data_8UTC
#
_entry.id   8UTC
#
_cell.length_a   70.067
_cell.length_b   84.737
_cell.length_c   154.189
_cell.angle_alpha   90.00
_cell.angle_beta   90.00
_cell.angle_gamma   90.00
#
_symmetry.space_group_name_H-M   'P 21 21 21'
#
loop_
_entity.id
_entity.type
_entity.pdbx_description
1 polymer 'HLA class I histocompatibility antigen, B alpha chain'
2 polymer Beta-2-microglobulin
3 polymer Nucleoprotein
4 non-polymer 'TRIETHYLENE GLYCOL'
5 non-polymer 'TETRAETHYLENE GLYCOL'
6 non-polymer 'CHLORIDE ION'
7 water water
#
loop_
_entity_poly.entity_id
_entity_poly.type
_entity_poly.pdbx_seq_one_letter_code
_entity_poly.pdbx_strand_id
1 'polypeptide(L)'
;MGSHSMRYFYTSVSRPGRGEPRFISVGYVDDTQFVRFDSDAASPREEPRAPWIEQEGPEYWDRNTQIYKAQAQTDRESLR
NLRGYYNQSEAGSHTLQSMYGCDVGPDGRLLRGHDQYAYDGKDYIALNEDLRSWTAADTAAQITQRKWEAAREAEQRRAY
LEGECVEWLRRYLENGKDKLERADPPKTHVTHHPISDHEATLRCWALGFYPAEITLTWQRDGEDQTQDTELVETRPAGDR
TFQKWAAVVVPSGEEQRYTCHVQHEGLPKPLTLRWE
;
A,C
2 'polypeptide(L)'
;MIQRTPKIQVYSRHPAENGKSNFLNCYVSGFHPSDIEVDLLKNGERIEKVEHSDLSFSKDWSFYLLYYTEFTPTEKDEYA
CRVNHVTLSQPKIVKWDRDM
;
B,D
3 'polypeptide(L)' SPRWYFFYL E,F
#
# COMPACT_ATOMS: atom_id res chain seq x y z
N GLY A 2 3.97 42.62 -1.05
CA GLY A 2 4.94 42.03 -0.08
C GLY A 2 6.23 41.58 -0.76
N SER A 3 7.07 40.87 -0.03
CA SER A 3 8.39 40.36 -0.49
C SER A 3 8.23 39.03 -1.24
N HIS A 4 9.18 38.69 -2.12
CA HIS A 4 9.11 37.48 -3.00
C HIS A 4 10.49 36.83 -3.18
N SER A 5 10.44 35.53 -3.41
CA SER A 5 11.66 34.73 -3.72
C SER A 5 11.42 33.89 -4.97
N MET A 6 12.50 33.62 -5.70
CA MET A 6 12.59 32.52 -6.70
C MET A 6 13.71 31.57 -6.24
N ARG A 7 13.45 30.27 -6.27
CA ARG A 7 14.46 29.26 -5.93
C ARG A 7 14.44 28.14 -6.95
N TYR A 8 15.60 27.61 -7.30
CA TYR A 8 15.69 26.27 -7.94
C TYR A 8 16.30 25.32 -6.92
N PHE A 9 15.74 24.11 -6.87
CA PHE A 9 16.22 23.02 -6.01
C PHE A 9 16.65 21.85 -6.88
N TYR A 10 17.94 21.56 -6.95
CA TYR A 10 18.49 20.43 -7.72
C TYR A 10 18.83 19.29 -6.75
N THR A 11 18.44 18.08 -7.12
CA THR A 11 18.88 16.84 -6.48
C THR A 11 19.54 15.92 -7.52
N SER A 12 20.81 15.57 -7.32
CA SER A 12 21.52 14.52 -8.08
C SER A 12 21.84 13.32 -7.19
N VAL A 13 21.60 12.12 -7.68
CA VAL A 13 21.84 10.88 -6.89
C VAL A 13 22.58 9.89 -7.78
N SER A 14 23.81 9.56 -7.44
CA SER A 14 24.66 8.62 -8.21
C SER A 14 24.08 7.23 -8.01
N ARG A 15 24.21 6.40 -9.04
CA ARG A 15 23.85 4.98 -8.99
C ARG A 15 24.91 4.19 -9.75
N PRO A 16 26.04 3.88 -9.12
CA PRO A 16 27.16 3.24 -9.82
C PRO A 16 26.75 1.92 -10.48
N GLY A 17 27.27 1.69 -11.70
CA GLY A 17 26.92 0.52 -12.53
C GLY A 17 25.52 0.56 -13.14
N ARG A 18 24.75 1.61 -12.86
CA ARG A 18 23.39 1.68 -13.41
C ARG A 18 23.17 2.96 -14.21
N GLY A 19 24.19 3.41 -14.93
CA GLY A 19 24.03 4.59 -15.79
C GLY A 19 24.28 5.91 -15.10
N GLU A 20 23.79 6.97 -15.71
CA GLU A 20 23.92 8.37 -15.22
C GLU A 20 23.15 8.58 -13.93
N PRO A 21 23.58 9.51 -13.08
CA PRO A 21 22.87 9.79 -11.87
C PRO A 21 21.52 10.44 -12.16
N ARG A 22 20.55 10.15 -11.31
CA ARG A 22 19.23 10.81 -11.42
C ARG A 22 19.39 12.26 -11.02
N PHE A 23 18.95 13.13 -11.88
CA PHE A 23 18.96 14.59 -11.67
C PHE A 23 17.52 15.06 -11.74
N ILE A 24 17.11 15.77 -10.71
CA ILE A 24 15.74 16.33 -10.55
C ILE A 24 15.92 17.79 -10.17
N SER A 25 15.18 18.65 -10.85
CA SER A 25 15.06 20.08 -10.50
C SER A 25 13.57 20.38 -10.29
N VAL A 26 13.30 21.20 -9.28
CA VAL A 26 11.98 21.88 -9.12
C VAL A 26 12.26 23.36 -8.98
N GLY A 27 11.39 24.19 -9.55
CA GLY A 27 11.48 25.64 -9.35
C GLY A 27 10.28 26.18 -8.59
N TYR A 28 10.52 27.17 -7.73
CA TYR A 28 9.52 27.80 -6.85
C TYR A 28 9.60 29.33 -7.03
N VAL A 29 8.45 29.96 -7.18
CA VAL A 29 8.18 31.32 -6.65
C VAL A 29 7.51 31.18 -5.28
N ASP A 30 8.12 31.78 -4.25
CA ASP A 30 7.69 31.62 -2.85
C ASP A 30 7.42 30.15 -2.62
N ASP A 31 6.19 29.73 -2.25
CA ASP A 31 5.87 28.32 -1.92
C ASP A 31 5.01 27.70 -3.04
N THR A 32 5.05 28.31 -4.24
CA THR A 32 4.40 27.80 -5.47
C THR A 32 5.44 27.18 -6.40
N GLN A 33 5.38 25.86 -6.56
CA GLN A 33 6.15 25.12 -7.57
C GLN A 33 5.57 25.45 -8.95
N PHE A 34 6.39 25.85 -9.93
CA PHE A 34 5.94 26.21 -11.30
C PHE A 34 6.59 25.32 -12.36
N VAL A 35 7.73 24.70 -12.06
CA VAL A 35 8.48 23.89 -13.06
C VAL A 35 9.10 22.70 -12.40
N ARG A 36 9.40 21.70 -13.21
CA ARG A 36 10.12 20.50 -12.78
C ARG A 36 10.87 19.97 -14.00
N PHE A 37 11.98 19.31 -13.74
CA PHE A 37 12.74 18.55 -14.75
C PHE A 37 13.26 17.30 -14.07
N ASP A 38 13.19 16.15 -14.74
CA ASP A 38 13.64 14.84 -14.21
C ASP A 38 14.30 14.04 -15.35
N SER A 39 15.57 13.73 -15.21
CA SER A 39 16.39 12.95 -16.18
C SER A 39 15.85 11.53 -16.38
N ASP A 40 15.03 11.00 -15.48
CA ASP A 40 14.48 9.62 -15.57
C ASP A 40 13.20 9.56 -16.40
N ALA A 41 12.44 10.65 -16.47
CA ALA A 41 11.19 10.76 -17.27
C ALA A 41 11.43 10.35 -18.73
N ALA A 42 10.35 10.00 -19.45
CA ALA A 42 10.36 9.28 -20.75
C ALA A 42 11.11 10.13 -21.79
N SER A 43 10.69 11.39 -21.99
CA SER A 43 11.46 12.39 -22.77
C SER A 43 11.77 13.58 -21.87
N PRO A 44 12.97 13.62 -21.27
CA PRO A 44 13.27 14.57 -20.20
C PRO A 44 13.19 15.99 -20.77
N ARG A 45 12.24 16.75 -20.22
CA ARG A 45 11.78 18.09 -20.68
C ARG A 45 11.39 18.91 -19.45
N GLU A 46 11.71 20.21 -19.40
CA GLU A 46 11.06 21.09 -18.41
C GLU A 46 9.57 21.02 -18.67
N GLU A 47 8.79 20.85 -17.61
CA GLU A 47 7.31 20.78 -17.65
C GLU A 47 6.77 21.85 -16.71
N PRO A 48 5.62 22.46 -17.06
CA PRO A 48 4.90 23.34 -16.14
C PRO A 48 4.26 22.54 -15.00
N ARG A 49 4.15 23.19 -13.85
CA ARG A 49 3.49 22.66 -12.64
C ARG A 49 2.67 23.78 -12.01
N ALA A 50 2.49 24.90 -12.69
CA ALA A 50 1.51 25.92 -12.25
C ALA A 50 0.82 26.50 -13.49
N PRO A 51 -0.44 26.93 -13.35
CA PRO A 51 -1.20 27.40 -14.51
C PRO A 51 -0.56 28.62 -15.23
N TRP A 52 -0.02 29.57 -14.47
CA TRP A 52 0.44 30.89 -14.93
C TRP A 52 1.77 30.82 -15.71
N ILE A 53 2.43 29.66 -15.78
CA ILE A 53 3.71 29.50 -16.53
C ILE A 53 3.43 28.76 -17.83
N GLU A 54 2.18 28.36 -18.07
CA GLU A 54 1.80 27.53 -19.25
C GLU A 54 1.76 28.43 -20.48
N GLN A 55 1.59 29.73 -20.29
CA GLN A 55 1.56 30.75 -21.38
C GLN A 55 2.94 30.93 -22.03
N GLU A 56 3.99 30.44 -21.38
CA GLU A 56 5.36 30.53 -21.97
C GLU A 56 5.36 29.66 -23.23
N GLY A 57 6.05 30.11 -24.27
CA GLY A 57 6.07 29.40 -25.55
C GLY A 57 6.98 28.20 -25.55
N PRO A 58 6.95 27.34 -26.60
CA PRO A 58 7.79 26.16 -26.69
C PRO A 58 9.30 26.44 -26.64
N GLU A 59 9.74 27.61 -27.10
CA GLU A 59 11.15 28.02 -27.04
C GLU A 59 11.61 28.10 -25.57
N TYR A 60 10.74 28.55 -24.67
CA TYR A 60 11.08 28.64 -23.23
C TYR A 60 11.39 27.25 -22.69
N TRP A 61 10.54 26.27 -23.00
CA TRP A 61 10.69 24.87 -22.57
C TRP A 61 11.91 24.24 -23.22
N ASP A 62 12.14 24.52 -24.49
CA ASP A 62 13.30 23.96 -25.22
C ASP A 62 14.58 24.48 -24.57
N ARG A 63 14.62 25.76 -24.29
CA ARG A 63 15.80 26.47 -23.70
C ARG A 63 16.09 25.88 -22.33
N ASN A 64 15.07 25.76 -21.48
CA ASN A 64 15.30 25.36 -20.09
C ASN A 64 15.72 23.88 -20.10
N THR A 65 15.10 23.09 -20.97
CA THR A 65 15.47 21.67 -21.18
C THR A 65 16.99 21.54 -21.44
N GLN A 66 17.53 22.33 -22.37
CA GLN A 66 18.98 22.32 -22.73
C GLN A 66 19.77 22.66 -21.47
N ILE A 67 19.26 23.59 -20.66
CA ILE A 67 20.05 24.04 -19.48
C ILE A 67 20.14 22.86 -18.51
N TYR A 68 19.01 22.25 -18.19
CA TYR A 68 19.00 21.18 -17.16
C TYR A 68 19.89 20.04 -17.66
N LYS A 69 19.76 19.66 -18.93
CA LYS A 69 20.60 18.59 -19.52
C LYS A 69 22.10 18.86 -19.28
N ALA A 70 22.57 20.08 -19.46
CA ALA A 70 23.98 20.44 -19.17
C ALA A 70 24.21 20.37 -17.64
N GLN A 71 23.25 20.83 -16.86
CA GLN A 71 23.40 20.86 -15.39
C GLN A 71 23.64 19.43 -14.88
N ALA A 72 22.92 18.47 -15.45
CA ALA A 72 22.94 17.04 -15.02
C ALA A 72 24.36 16.50 -15.21
N GLN A 73 24.98 16.84 -16.33
CA GLN A 73 26.35 16.41 -16.64
C GLN A 73 27.29 17.10 -15.65
N THR A 74 27.10 18.39 -15.41
CA THR A 74 27.94 19.14 -14.43
C THR A 74 27.87 18.47 -13.04
N ASP A 75 26.68 18.25 -12.51
CA ASP A 75 26.48 17.59 -11.18
C ASP A 75 27.12 16.21 -11.17
N ARG A 76 27.08 15.49 -12.29
CA ARG A 76 27.68 14.15 -12.35
C ARG A 76 29.16 14.31 -12.03
N GLU A 77 29.80 15.36 -12.56
CA GLU A 77 31.27 15.54 -12.42
C GLU A 77 31.58 16.09 -11.03
N SER A 78 30.74 16.99 -10.51
CA SER A 78 30.78 17.39 -9.08
C SER A 78 30.73 16.14 -8.19
N LEU A 79 29.87 15.17 -8.47
CA LEU A 79 29.77 13.95 -7.62
C LEU A 79 31.07 13.17 -7.71
N ARG A 80 31.63 13.04 -8.92
CA ARG A 80 32.91 12.31 -9.12
C ARG A 80 33.96 13.00 -8.24
N ASN A 81 34.01 14.33 -8.29
CA ASN A 81 35.05 15.14 -7.59
C ASN A 81 34.89 14.96 -6.07
N LEU A 82 33.64 14.93 -5.58
CA LEU A 82 33.37 14.87 -4.12
C LEU A 82 33.84 13.53 -3.59
N ARG A 83 33.59 12.48 -4.37
CA ARG A 83 34.13 11.14 -3.99
CA ARG A 83 34.12 11.14 -3.99
C ARG A 83 35.66 11.06 -3.71
N GLY A 84 36.37 11.79 -4.58
CA GLY A 84 37.83 11.89 -4.42
C GLY A 84 38.17 12.68 -3.15
N TYR A 85 37.53 13.83 -2.96
CA TYR A 85 37.86 14.74 -1.84
C TYR A 85 37.68 14.01 -0.53
N TYR A 86 36.58 13.26 -0.42
CA TYR A 86 36.24 12.46 0.80
C TYR A 86 36.82 11.05 0.75
N ASN A 87 37.50 10.72 -0.35
CA ASN A 87 38.28 9.48 -0.51
C ASN A 87 37.34 8.28 -0.31
N GLN A 88 36.21 8.22 -1.03
CA GLN A 88 35.09 7.26 -0.77
C GLN A 88 35.15 6.08 -1.76
N SER A 89 34.44 4.99 -1.46
CA SER A 89 34.19 3.89 -2.43
C SER A 89 33.65 4.47 -3.75
N GLU A 90 33.76 3.70 -4.82
CA GLU A 90 33.03 4.09 -6.04
C GLU A 90 31.81 3.19 -6.09
N ALA A 91 31.54 2.44 -5.03
CA ALA A 91 30.49 1.38 -5.04
C ALA A 91 29.12 1.87 -4.56
N GLY A 92 29.07 2.88 -3.68
CA GLY A 92 27.79 3.31 -3.08
C GLY A 92 27.20 4.60 -3.67
N SER A 93 25.93 4.81 -3.41
CA SER A 93 25.14 5.98 -3.88
C SER A 93 25.44 7.21 -3.01
N HIS A 94 25.49 8.39 -3.61
CA HIS A 94 25.70 9.67 -2.92
C HIS A 94 24.78 10.71 -3.51
N THR A 95 24.52 11.76 -2.73
CA THR A 95 23.56 12.82 -3.09
C THR A 95 24.23 14.19 -3.07
N LEU A 96 23.95 14.99 -4.09
CA LEU A 96 24.42 16.39 -4.12
C LEU A 96 23.19 17.26 -4.28
N GLN A 97 23.00 18.21 -3.39
CA GLN A 97 21.83 19.12 -3.43
C GLN A 97 22.32 20.54 -3.66
N SER A 98 21.61 21.29 -4.49
CA SER A 98 21.93 22.69 -4.81
C SER A 98 20.69 23.54 -4.61
N MET A 99 20.85 24.72 -4.07
CA MET A 99 19.72 25.64 -3.88
C MET A 99 20.22 27.05 -4.18
N TYR A 100 19.57 27.76 -5.09
CA TYR A 100 19.98 29.15 -5.44
C TYR A 100 18.74 29.94 -5.87
N GLY A 101 18.89 31.25 -5.79
CA GLY A 101 17.79 32.15 -6.14
C GLY A 101 17.98 33.49 -5.48
N CYS A 102 16.96 34.33 -5.66
CA CYS A 102 16.98 35.76 -5.28
C CYS A 102 15.72 35.99 -4.47
N ASP A 103 15.85 36.86 -3.45
CA ASP A 103 14.75 37.52 -2.71
C ASP A 103 14.69 38.98 -3.16
N VAL A 104 13.49 39.48 -3.39
CA VAL A 104 13.21 40.90 -3.74
C VAL A 104 12.15 41.42 -2.77
N GLY A 105 12.28 42.71 -2.41
CA GLY A 105 11.34 43.46 -1.57
C GLY A 105 10.10 43.83 -2.38
N PRO A 106 9.09 44.51 -1.79
CA PRO A 106 7.91 44.91 -2.55
C PRO A 106 8.34 45.80 -3.73
N ASP A 107 9.41 46.57 -3.58
CA ASP A 107 9.96 47.47 -4.64
C ASP A 107 10.46 46.64 -5.83
N GLY A 108 10.74 45.34 -5.63
CA GLY A 108 11.12 44.41 -6.71
C GLY A 108 12.62 44.40 -6.95
N ARG A 109 13.39 45.06 -6.07
CA ARG A 109 14.87 45.05 -6.10
C ARG A 109 15.41 43.89 -5.24
N LEU A 110 16.64 43.48 -5.52
CA LEU A 110 17.27 42.34 -4.82
C LEU A 110 17.41 42.68 -3.33
N LEU A 111 16.98 41.79 -2.44
CA LEU A 111 17.29 41.92 -0.98
C LEU A 111 18.51 41.05 -0.67
N ARG A 112 18.55 39.86 -1.25
CA ARG A 112 19.45 38.77 -0.79
C ARG A 112 19.48 37.73 -1.90
N GLY A 113 20.70 37.32 -2.25
CA GLY A 113 20.95 36.18 -3.16
C GLY A 113 21.38 34.97 -2.39
N HIS A 114 21.07 33.80 -2.89
CA HIS A 114 21.36 32.50 -2.21
C HIS A 114 21.94 31.55 -3.24
N ASP A 115 22.96 30.80 -2.83
CA ASP A 115 23.67 29.86 -3.73
C ASP A 115 24.46 28.90 -2.86
N GLN A 116 23.96 27.68 -2.67
CA GLN A 116 24.53 26.81 -1.63
C GLN A 116 24.29 25.33 -1.95
N TYR A 117 25.12 24.50 -1.31
CA TYR A 117 25.25 23.07 -1.69
C TYR A 117 25.31 22.20 -0.44
N ALA A 118 24.74 20.99 -0.56
CA ALA A 118 24.89 19.92 0.45
C ALA A 118 25.33 18.62 -0.22
N TYR A 119 26.23 17.89 0.47
CA TYR A 119 26.68 16.54 0.05
C TYR A 119 26.21 15.53 1.08
N ASP A 120 25.50 14.50 0.64
CA ASP A 120 24.96 13.45 1.51
C ASP A 120 24.25 14.06 2.73
N GLY A 121 23.51 15.16 2.55
CA GLY A 121 22.57 15.71 3.55
C GLY A 121 23.21 16.70 4.50
N LYS A 122 24.48 17.02 4.30
CA LYS A 122 25.30 17.90 5.17
C LYS A 122 25.70 19.16 4.39
N ASP A 123 25.79 20.32 5.05
CA ASP A 123 26.29 21.57 4.44
C ASP A 123 27.61 21.23 3.74
N TYR A 124 27.84 21.75 2.53
CA TYR A 124 29.15 21.60 1.86
C TYR A 124 29.77 22.99 1.71
N ILE A 125 29.14 23.84 0.89
CA ILE A 125 29.66 25.22 0.67
C ILE A 125 28.48 26.15 0.40
N ALA A 126 28.60 27.40 0.80
CA ALA A 126 27.54 28.39 0.57
C ALA A 126 28.20 29.73 0.20
N LEU A 127 27.61 30.41 -0.76
CA LEU A 127 28.00 31.78 -1.15
C LEU A 127 27.47 32.69 -0.08
N ASN A 128 28.31 33.59 0.42
CA ASN A 128 27.93 34.55 1.47
C ASN A 128 27.03 35.64 0.90
N GLU A 129 26.32 36.28 1.81
CA GLU A 129 25.36 37.36 1.49
C GLU A 129 26.04 38.43 0.62
N ASP A 130 27.33 38.68 0.77
CA ASP A 130 28.07 39.70 -0.04
C ASP A 130 28.19 39.21 -1.51
N LEU A 131 27.95 37.92 -1.77
CA LEU A 131 27.97 37.32 -3.14
C LEU A 131 29.37 37.42 -3.75
N ARG A 132 30.37 37.50 -2.90
CA ARG A 132 31.77 37.66 -3.36
C ARG A 132 32.68 36.66 -2.65
N SER A 133 32.15 35.90 -1.71
CA SER A 133 32.97 35.06 -0.80
C SER A 133 32.18 33.82 -0.34
N TRP A 134 32.90 32.81 0.13
CA TRP A 134 32.41 31.45 0.38
C TRP A 134 32.53 31.06 1.86
N THR A 135 31.55 30.35 2.39
CA THR A 135 31.68 29.57 3.65
C THR A 135 31.71 28.08 3.31
N ALA A 136 32.88 27.45 3.51
CA ALA A 136 33.13 26.01 3.36
C ALA A 136 32.80 25.29 4.69
N ALA A 137 32.07 24.20 4.63
CA ALA A 137 31.59 23.48 5.82
C ALA A 137 32.72 22.64 6.43
N ASP A 138 33.71 22.21 5.65
CA ASP A 138 34.78 21.29 6.13
C ASP A 138 36.00 21.36 5.18
N THR A 139 37.05 20.56 5.43
CA THR A 139 38.35 20.72 4.73
C THR A 139 38.21 20.33 3.25
N ALA A 140 37.25 19.48 2.90
CA ALA A 140 37.02 19.02 1.52
C ALA A 140 36.45 20.19 0.71
N ALA A 141 35.43 20.85 1.27
CA ALA A 141 34.80 22.04 0.71
C ALA A 141 35.87 23.12 0.51
N GLN A 142 36.93 23.14 1.32
CA GLN A 142 37.98 24.16 1.17
C GLN A 142 38.69 23.94 -0.17
N ILE A 143 38.73 22.70 -0.66
CA ILE A 143 39.31 22.43 -2.00
C ILE A 143 38.43 23.14 -3.03
N THR A 144 37.12 22.95 -2.92
CA THR A 144 36.18 23.63 -3.85
C THR A 144 36.35 25.14 -3.71
N GLN A 145 36.41 25.65 -2.48
CA GLN A 145 36.53 27.11 -2.19
C GLN A 145 37.75 27.65 -2.96
N ARG A 146 38.89 26.98 -2.92
CA ARG A 146 40.15 27.56 -3.47
C ARG A 146 40.06 27.59 -5.00
N LYS A 147 39.50 26.55 -5.62
CA LYS A 147 39.38 26.54 -7.09
C LYS A 147 38.36 27.62 -7.50
N TRP A 148 37.30 27.83 -6.73
CA TRP A 148 36.29 28.85 -7.09
C TRP A 148 36.82 30.27 -6.91
N GLU A 149 37.63 30.48 -5.90
CA GLU A 149 38.20 31.81 -5.63
C GLU A 149 39.19 32.14 -6.75
N ALA A 150 40.01 31.17 -7.14
CA ALA A 150 41.12 31.43 -8.08
C ALA A 150 40.53 31.79 -9.44
N ALA A 151 39.43 31.15 -9.79
CA ALA A 151 38.74 31.26 -11.10
C ALA A 151 37.68 32.37 -11.07
N ARG A 152 37.48 33.03 -9.93
CA ARG A 152 36.56 34.19 -9.77
C ARG A 152 35.13 33.82 -10.20
N GLU A 153 34.71 32.59 -9.95
CA GLU A 153 33.41 32.07 -10.40
C GLU A 153 32.27 32.75 -9.61
N ALA A 154 32.55 33.31 -8.45
CA ALA A 154 31.54 34.09 -7.69
C ALA A 154 30.96 35.21 -8.58
N GLU A 155 31.75 35.83 -9.46
CA GLU A 155 31.33 37.03 -10.21
C GLU A 155 30.18 36.62 -11.15
N GLN A 156 30.29 35.45 -11.74
CA GLN A 156 29.31 34.89 -12.73
C GLN A 156 28.06 34.58 -11.93
N ARG A 157 28.17 33.98 -10.74
CA ARG A 157 27.01 33.65 -9.87
C ARG A 157 26.29 34.94 -9.44
N ARG A 158 27.03 35.99 -9.07
CA ARG A 158 26.50 37.33 -8.69
C ARG A 158 25.71 37.91 -9.86
N ALA A 159 26.17 37.72 -11.08
CA ALA A 159 25.53 38.34 -12.27
C ALA A 159 24.14 37.71 -12.47
N TYR A 160 24.05 36.38 -12.38
CA TYR A 160 22.74 35.70 -12.49
C TYR A 160 21.81 36.25 -11.37
N LEU A 161 22.25 36.26 -10.11
CA LEU A 161 21.38 36.46 -8.91
C LEU A 161 20.92 37.91 -8.84
N GLU A 162 21.75 38.86 -9.25
CA GLU A 162 21.44 40.30 -9.20
C GLU A 162 20.66 40.71 -10.45
N GLY A 163 20.75 39.94 -11.54
CA GLY A 163 20.31 40.35 -12.90
C GLY A 163 19.11 39.52 -13.34
N GLU A 164 19.34 38.51 -14.16
CA GLU A 164 18.36 37.53 -14.67
C GLU A 164 17.39 37.06 -13.57
N CYS A 165 17.89 36.59 -12.44
CA CYS A 165 17.06 35.94 -11.39
C CYS A 165 15.92 36.89 -11.04
N VAL A 166 16.27 38.16 -10.90
CA VAL A 166 15.34 39.26 -10.54
C VAL A 166 14.38 39.51 -11.71
N GLU A 167 14.91 39.61 -12.94
CA GLU A 167 14.08 39.84 -14.16
C GLU A 167 13.08 38.69 -14.34
N TRP A 168 13.50 37.43 -14.25
CA TRP A 168 12.58 36.26 -14.40
C TRP A 168 11.51 36.32 -13.29
N LEU A 169 11.90 36.60 -12.05
CA LEU A 169 10.97 36.61 -10.90
C LEU A 169 9.92 37.67 -11.17
N ARG A 170 10.34 38.86 -11.59
CA ARG A 170 9.42 40.00 -11.86
C ARG A 170 8.41 39.53 -12.92
N ARG A 171 8.87 38.88 -13.99
CA ARG A 171 7.98 38.44 -15.09
C ARG A 171 7.02 37.36 -14.57
N TYR A 172 7.49 36.38 -13.79
CA TYR A 172 6.61 35.35 -13.17
C TYR A 172 5.56 36.02 -12.24
N LEU A 173 5.90 37.10 -11.53
CA LEU A 173 4.95 37.78 -10.61
C LEU A 173 3.83 38.44 -11.44
N GLU A 174 4.20 39.06 -12.56
CA GLU A 174 3.26 39.66 -13.52
C GLU A 174 2.39 38.52 -14.06
N ASN A 175 2.99 37.43 -14.57
CA ASN A 175 2.25 36.26 -15.11
C ASN A 175 1.20 35.75 -14.10
N GLY A 176 1.54 35.75 -12.80
CA GLY A 176 0.76 35.07 -11.76
C GLY A 176 -0.26 35.98 -11.12
N LYS A 177 -0.04 37.31 -11.10
CA LYS A 177 -0.99 38.35 -10.60
C LYS A 177 -1.46 37.95 -9.19
N ASP A 178 -2.77 37.71 -9.00
CA ASP A 178 -3.43 37.48 -7.69
C ASP A 178 -2.95 36.15 -7.06
N LYS A 179 -2.78 35.09 -7.86
CA LYS A 179 -2.36 33.74 -7.39
C LYS A 179 -0.95 33.74 -6.75
N LEU A 180 -0.13 34.81 -6.89
CA LEU A 180 1.20 34.84 -6.22
C LEU A 180 1.29 36.00 -5.21
N GLU A 181 0.58 37.12 -5.40
CA GLU A 181 0.59 38.27 -4.45
C GLU A 181 -0.36 37.99 -3.26
N ARG A 182 -1.16 36.92 -3.29
CA ARG A 182 -2.14 36.61 -2.21
C ARG A 182 -1.40 36.17 -0.94
N ALA A 183 -1.85 36.66 0.21
CA ALA A 183 -1.67 35.98 1.52
C ALA A 183 -3.04 35.47 2.01
N ASP A 184 -3.20 34.14 2.13
CA ASP A 184 -4.41 33.53 2.71
C ASP A 184 -4.15 33.38 4.20
N PRO A 185 -4.90 34.08 5.08
CA PRO A 185 -4.66 33.96 6.51
C PRO A 185 -5.06 32.56 6.98
N PRO A 186 -4.51 32.09 8.10
CA PRO A 186 -4.99 30.86 8.70
C PRO A 186 -6.40 30.99 9.24
N LYS A 187 -7.19 29.97 8.89
CA LYS A 187 -8.45 29.56 9.54
C LYS A 187 -8.05 28.85 10.84
N THR A 188 -8.36 29.43 12.00
CA THR A 188 -7.82 28.96 13.31
C THR A 188 -8.96 28.57 14.24
N HIS A 189 -8.80 27.47 14.96
CA HIS A 189 -9.66 27.14 16.12
C HIS A 189 -8.89 26.25 17.09
N VAL A 190 -9.41 26.10 18.30
CA VAL A 190 -8.82 25.23 19.35
C VAL A 190 -9.85 24.15 19.68
N THR A 191 -9.39 22.91 19.84
CA THR A 191 -10.19 21.74 20.29
C THR A 191 -9.62 21.26 21.60
N HIS A 192 -10.50 20.73 22.46
CA HIS A 192 -10.26 20.16 23.81
C HIS A 192 -10.49 18.64 23.77
N HIS A 193 -9.49 17.83 24.13
CA HIS A 193 -9.52 16.34 24.09
C HIS A 193 -9.17 15.80 25.48
N PRO A 194 -10.13 15.39 26.31
CA PRO A 194 -9.77 14.86 27.64
C PRO A 194 -8.80 13.65 27.52
N ILE A 195 -7.73 13.66 28.33
CA ILE A 195 -6.74 12.57 28.51
C ILE A 195 -7.20 11.74 29.72
N SER A 196 -7.41 12.36 30.90
CA SER A 196 -7.80 11.71 32.19
C SER A 196 -8.83 12.54 32.94
N ASP A 197 -9.06 12.25 34.23
CA ASP A 197 -9.75 13.11 35.21
C ASP A 197 -8.82 14.31 35.51
N HIS A 198 -7.50 14.10 35.53
CA HIS A 198 -6.49 15.10 35.98
C HIS A 198 -5.73 15.77 34.82
N GLU A 199 -6.14 15.61 33.54
CA GLU A 199 -5.42 16.19 32.36
C GLU A 199 -6.29 16.26 31.08
N ALA A 200 -6.02 17.23 30.19
CA ALA A 200 -6.69 17.42 28.88
C ALA A 200 -5.71 18.02 27.84
N THR A 201 -5.86 17.63 26.56
CA THR A 201 -5.08 18.16 25.40
C THR A 201 -5.85 19.34 24.79
N LEU A 202 -5.21 20.51 24.72
CA LEU A 202 -5.64 21.64 23.85
C LEU A 202 -4.82 21.59 22.56
N ARG A 203 -5.52 21.49 21.44
CA ARG A 203 -4.92 21.52 20.09
C ARG A 203 -5.41 22.80 19.42
N CYS A 204 -4.44 23.61 19.03
CA CYS A 204 -4.63 24.84 18.26
C CYS A 204 -4.32 24.55 16.79
N TRP A 205 -5.30 24.78 15.90
CA TRP A 205 -5.21 24.54 14.44
C TRP A 205 -5.05 25.81 13.63
N ALA A 206 -4.25 25.74 12.56
CA ALA A 206 -4.15 26.71 11.47
C ALA A 206 -4.34 25.96 10.16
N LEU A 207 -5.38 26.29 9.38
CA LEU A 207 -5.70 25.66 8.07
C LEU A 207 -5.76 26.70 6.93
N GLY A 208 -5.37 26.30 5.72
CA GLY A 208 -5.65 27.00 4.47
C GLY A 208 -4.84 28.26 4.30
N PHE A 209 -3.66 28.33 4.92
CA PHE A 209 -2.80 29.53 4.91
C PHE A 209 -1.76 29.42 3.79
N TYR A 210 -1.41 30.56 3.23
CA TYR A 210 -0.32 30.73 2.24
C TYR A 210 0.20 32.13 2.46
N PRO A 211 1.54 32.32 2.49
CA PRO A 211 2.52 31.23 2.33
C PRO A 211 2.69 30.29 3.54
N ALA A 212 3.69 29.40 3.51
CA ALA A 212 3.88 28.30 4.49
C ALA A 212 4.42 28.79 5.84
N GLU A 213 5.29 29.80 5.81
CA GLU A 213 5.91 30.38 7.03
C GLU A 213 4.77 30.72 8.00
N ILE A 214 4.82 30.21 9.22
CA ILE A 214 3.85 30.54 10.30
C ILE A 214 4.53 30.27 11.63
N THR A 215 4.13 30.94 12.66
CA THR A 215 4.54 30.60 14.03
C THR A 215 3.28 30.27 14.81
N LEU A 216 3.22 29.04 15.32
CA LEU A 216 2.09 28.55 16.12
C LEU A 216 2.64 28.18 17.50
N THR A 217 2.21 28.86 18.56
CA THR A 217 2.77 28.66 19.91
C THR A 217 1.67 28.73 20.97
N TRP A 218 1.88 28.03 22.07
CA TRP A 218 1.02 28.05 23.28
C TRP A 218 1.74 28.84 24.38
N GLN A 219 1.00 29.47 25.29
CA GLN A 219 1.57 30.19 26.45
C GLN A 219 0.72 29.91 27.69
N ARG A 220 1.37 29.73 28.83
CA ARG A 220 0.69 29.57 30.13
C ARG A 220 0.87 30.91 30.84
N ASP A 221 -0.16 31.73 30.87
CA ASP A 221 -0.10 33.07 31.52
C ASP A 221 1.05 33.90 30.95
N GLY A 222 1.24 33.87 29.63
CA GLY A 222 2.29 34.63 28.93
C GLY A 222 3.63 33.94 28.95
N GLU A 223 3.75 32.75 29.54
CA GLU A 223 5.08 32.10 29.59
C GLU A 223 5.18 30.99 28.54
N ASP A 224 6.39 30.83 28.00
CA ASP A 224 6.71 29.90 26.90
C ASP A 224 6.40 28.46 27.30
N GLN A 225 5.87 27.69 26.36
CA GLN A 225 5.53 26.27 26.60
C GLN A 225 6.24 25.45 25.54
N THR A 226 7.44 25.87 25.17
CA THR A 226 8.17 25.20 24.06
C THR A 226 8.41 23.72 24.37
N GLN A 227 8.86 23.37 25.56
CA GLN A 227 9.24 21.96 25.84
C GLN A 227 8.01 21.09 26.11
N ASP A 228 6.88 21.72 26.36
CA ASP A 228 5.60 21.02 26.65
C ASP A 228 4.61 21.10 25.47
N THR A 229 5.02 21.67 24.33
CA THR A 229 4.19 21.85 23.13
C THR A 229 4.55 20.76 22.12
N GLU A 230 3.61 19.91 21.74
CA GLU A 230 3.76 19.08 20.52
C GLU A 230 3.42 19.94 19.29
N LEU A 231 4.23 19.85 18.28
CA LEU A 231 4.13 20.78 17.15
C LEU A 231 4.38 19.96 15.89
N VAL A 232 3.37 19.73 15.06
CA VAL A 232 3.58 18.97 13.79
C VAL A 232 4.25 19.88 12.77
N GLU A 233 4.98 19.26 11.87
CA GLU A 233 5.63 19.93 10.73
C GLU A 233 4.48 20.49 9.86
N THR A 234 4.61 21.75 9.45
CA THR A 234 3.77 22.42 8.44
C THR A 234 3.64 21.52 7.22
N ARG A 235 2.41 21.27 6.78
CA ARG A 235 2.10 20.24 5.77
C ARG A 235 1.22 20.82 4.67
N PRO A 236 1.41 20.37 3.43
CA PRO A 236 0.62 20.90 2.33
C PRO A 236 -0.76 20.25 2.31
N ALA A 237 -1.75 21.02 1.90
CA ALA A 237 -3.17 20.58 1.77
C ALA A 237 -3.39 19.92 0.40
N GLY A 238 -2.60 20.32 -0.57
CA GLY A 238 -2.66 19.75 -1.92
C GLY A 238 -3.10 20.77 -2.95
N ASP A 239 -3.67 21.88 -2.48
CA ASP A 239 -4.30 22.97 -3.25
C ASP A 239 -3.46 24.24 -3.10
N ARG A 240 -2.22 24.12 -2.66
CA ARG A 240 -1.26 25.27 -2.56
C ARG A 240 -1.58 26.13 -1.33
N THR A 241 -2.23 25.54 -0.33
CA THR A 241 -2.28 26.09 1.05
C THR A 241 -1.71 25.04 2.02
N PHE A 242 -1.55 25.43 3.27
CA PHE A 242 -0.76 24.68 4.26
C PHE A 242 -1.57 24.54 5.54
N GLN A 243 -1.11 23.63 6.40
CA GLN A 243 -1.78 23.25 7.66
C GLN A 243 -0.74 23.07 8.75
N LYS A 244 -1.14 23.30 9.99
CA LYS A 244 -0.26 23.11 11.18
C LYS A 244 -1.15 22.99 12.42
N TRP A 245 -0.71 22.24 13.39
CA TRP A 245 -1.36 22.33 14.72
C TRP A 245 -0.29 22.30 15.80
N ALA A 246 -0.61 22.79 16.97
CA ALA A 246 0.26 22.77 18.16
C ALA A 246 -0.59 22.28 19.32
N ALA A 247 -0.13 21.28 20.06
CA ALA A 247 -0.91 20.78 21.22
C ALA A 247 -0.07 20.87 22.48
N VAL A 248 -0.76 20.88 23.60
CA VAL A 248 -0.09 21.01 24.92
C VAL A 248 -1.02 20.35 25.93
N VAL A 249 -0.48 19.44 26.75
CA VAL A 249 -1.34 18.77 27.77
C VAL A 249 -1.47 19.69 28.98
N VAL A 250 -2.70 19.98 29.39
CA VAL A 250 -2.92 20.98 30.48
C VAL A 250 -3.68 20.37 31.64
N PRO A 251 -3.37 20.79 32.88
CA PRO A 251 -4.08 20.30 34.05
C PRO A 251 -5.53 20.72 33.86
N SER A 252 -6.46 19.82 34.11
CA SER A 252 -7.90 20.12 33.91
C SER A 252 -8.34 21.27 34.81
N GLY A 253 -9.19 22.15 34.28
CA GLY A 253 -9.74 23.29 35.03
C GLY A 253 -8.92 24.55 34.86
N GLU A 254 -7.67 24.40 34.41
CA GLU A 254 -6.77 25.57 34.23
C GLU A 254 -6.63 25.93 32.74
N GLU A 255 -7.67 25.72 31.94
CA GLU A 255 -7.66 25.96 30.46
C GLU A 255 -7.52 27.46 30.16
N GLN A 256 -8.24 28.31 30.90
CA GLN A 256 -8.22 29.80 30.85
C GLN A 256 -6.78 30.34 30.98
N ARG A 257 -5.87 29.58 31.59
CA ARG A 257 -4.45 29.99 31.78
C ARG A 257 -3.70 29.98 30.45
N TYR A 258 -4.17 29.23 29.44
CA TYR A 258 -3.41 29.00 28.19
C TYR A 258 -3.99 29.81 27.04
N THR A 259 -3.12 30.18 26.11
CA THR A 259 -3.45 31.00 24.94
C THR A 259 -2.62 30.48 23.78
N CYS A 260 -3.25 30.36 22.60
CA CYS A 260 -2.54 30.00 21.36
C CYS A 260 -2.24 31.29 20.61
N HIS A 261 -1.03 31.40 20.08
CA HIS A 261 -0.55 32.60 19.36
C HIS A 261 -0.23 32.20 17.91
N VAL A 262 -0.85 32.90 16.97
CA VAL A 262 -0.65 32.65 15.53
C VAL A 262 -0.05 33.89 14.88
N GLN A 263 1.11 33.78 14.28
CA GLN A 263 1.68 34.85 13.43
C GLN A 263 1.74 34.31 12.02
N HIS A 264 1.28 35.09 11.05
CA HIS A 264 1.33 34.72 9.61
C HIS A 264 1.30 36.00 8.78
N GLU A 265 1.93 36.04 7.60
CA GLU A 265 1.89 37.24 6.72
C GLU A 265 0.46 37.76 6.52
N GLY A 266 -0.51 36.85 6.39
CA GLY A 266 -1.91 37.19 6.10
C GLY A 266 -2.68 37.73 7.29
N LEU A 267 -2.04 37.79 8.46
CA LEU A 267 -2.60 38.39 9.68
C LEU A 267 -1.79 39.66 9.99
N PRO A 268 -2.34 40.87 9.83
CA PRO A 268 -1.59 42.09 10.10
C PRO A 268 -1.23 42.11 11.59
N LYS A 269 -2.19 41.74 12.42
CA LYS A 269 -1.96 41.58 13.86
C LYS A 269 -2.06 40.09 14.13
N PRO A 270 -1.11 39.51 14.90
CA PRO A 270 -1.19 38.10 15.26
C PRO A 270 -2.39 37.79 16.14
N LEU A 271 -2.92 36.59 16.02
CA LEU A 271 -4.12 36.17 16.78
C LEU A 271 -3.73 35.59 18.14
N THR A 272 -4.58 35.81 19.14
CA THR A 272 -4.48 35.16 20.46
C THR A 272 -5.78 34.40 20.64
N LEU A 273 -5.75 33.06 20.58
CA LEU A 273 -6.97 32.25 20.80
C LEU A 273 -6.91 31.69 22.22
N ARG A 274 -8.08 31.64 22.83
CA ARG A 274 -8.34 31.17 24.21
C ARG A 274 -9.33 30.00 24.20
N TRP A 275 -9.48 29.41 25.36
CA TRP A 275 -10.63 28.56 25.72
C TRP A 275 -11.22 29.09 27.02
N GLU A 276 -12.48 29.52 26.99
CA GLU A 276 -13.25 29.92 28.21
C GLU A 276 -14.10 28.70 28.65
N MET B 1 27.46 9.18 6.27
CA MET B 1 26.52 10.19 5.79
C MET B 1 25.33 10.29 6.75
N ILE B 2 24.73 11.45 6.73
CA ILE B 2 23.45 11.80 7.38
C ILE B 2 22.35 10.88 6.85
N GLN B 3 21.56 10.31 7.74
CA GLN B 3 20.30 9.61 7.43
C GLN B 3 19.31 10.16 8.42
N ARG B 4 18.16 10.59 7.92
CA ARG B 4 17.03 11.11 8.72
C ARG B 4 15.77 10.28 8.41
N THR B 5 15.06 9.87 9.44
CA THR B 5 13.88 9.02 9.32
C THR B 5 12.73 9.95 8.95
N PRO B 6 11.83 9.56 8.03
CA PRO B 6 10.73 10.44 7.66
C PRO B 6 9.78 10.72 8.83
N LYS B 7 9.23 11.93 8.87
CA LYS B 7 8.04 12.29 9.69
C LYS B 7 6.83 12.08 8.80
N ILE B 8 5.80 11.39 9.32
CA ILE B 8 4.64 10.92 8.51
C ILE B 8 3.39 11.56 9.09
N GLN B 9 2.60 12.25 8.25
CA GLN B 9 1.26 12.78 8.60
C GLN B 9 0.25 12.27 7.54
N VAL B 10 -0.85 11.69 8.00
CA VAL B 10 -1.99 11.28 7.12
C VAL B 10 -3.15 12.15 7.58
N TYR B 11 -3.73 12.88 6.63
CA TYR B 11 -4.74 13.93 6.83
C TYR B 11 -5.51 14.10 5.50
N SER B 12 -6.73 14.61 5.57
CA SER B 12 -7.51 15.07 4.40
C SER B 12 -7.19 16.53 4.08
N ARG B 13 -7.43 16.97 2.83
CA ARG B 13 -7.24 18.39 2.42
C ARG B 13 -8.26 19.26 3.16
N HIS B 14 -9.50 18.83 3.20
CA HIS B 14 -10.61 19.57 3.81
C HIS B 14 -11.08 18.73 4.99
N PRO B 15 -11.80 19.34 5.97
CA PRO B 15 -12.39 18.60 7.08
C PRO B 15 -13.35 17.55 6.49
N ALA B 16 -13.17 16.30 6.86
CA ALA B 16 -13.91 15.18 6.27
C ALA B 16 -15.40 15.28 6.62
N GLU B 17 -16.24 15.03 5.62
CA GLU B 17 -17.69 14.88 5.78
C GLU B 17 -18.12 13.67 4.93
N ASN B 18 -18.81 12.72 5.57
CA ASN B 18 -19.19 11.44 4.94
C ASN B 18 -19.94 11.78 3.65
N GLY B 19 -19.57 11.16 2.55
CA GLY B 19 -20.29 11.34 1.29
C GLY B 19 -19.85 12.53 0.48
N LYS B 20 -18.95 13.42 1.00
CA LYS B 20 -18.40 14.55 0.21
C LYS B 20 -16.95 14.30 -0.25
N SER B 21 -16.71 14.50 -1.53
CA SER B 21 -15.43 14.23 -2.22
C SER B 21 -14.33 15.07 -1.57
N ASN B 22 -13.11 14.52 -1.50
CA ASN B 22 -12.01 15.14 -0.73
C ASN B 22 -10.71 14.52 -1.24
N PHE B 23 -9.59 14.84 -0.58
CA PHE B 23 -8.25 14.32 -0.92
C PHE B 23 -7.62 13.81 0.35
N LEU B 24 -7.20 12.56 0.27
CA LEU B 24 -6.45 11.91 1.32
C LEU B 24 -4.96 12.15 1.01
N ASN B 25 -4.23 12.64 2.01
CA ASN B 25 -2.81 13.01 1.89
C ASN B 25 -1.98 12.13 2.84
N CYS B 26 -0.81 11.70 2.39
CA CYS B 26 0.30 11.26 3.26
C CYS B 26 1.52 12.14 2.97
N TYR B 27 1.91 12.95 3.94
CA TYR B 27 3.09 13.83 3.84
C TYR B 27 4.24 13.18 4.57
N VAL B 28 5.33 12.94 3.86
CA VAL B 28 6.60 12.42 4.41
C VAL B 28 7.61 13.54 4.23
N SER B 29 8.20 13.99 5.33
CA SER B 29 9.11 15.14 5.36
C SER B 29 10.27 14.74 6.24
N GLY B 30 11.36 15.50 6.17
CA GLY B 30 12.49 15.42 7.11
C GLY B 30 13.41 14.23 6.87
N PHE B 31 13.31 13.56 5.72
CA PHE B 31 14.01 12.28 5.46
C PHE B 31 15.24 12.46 4.56
N HIS B 32 16.19 11.52 4.68
CA HIS B 32 17.44 11.48 3.87
C HIS B 32 17.97 10.08 4.02
N PRO B 33 18.49 9.42 2.98
CA PRO B 33 18.48 9.93 1.61
C PRO B 33 17.09 9.89 0.99
N SER B 34 17.02 10.13 -0.33
CA SER B 34 15.78 10.50 -1.08
C SER B 34 14.91 9.28 -1.46
N ASP B 35 15.46 8.07 -1.59
CA ASP B 35 14.62 6.88 -1.88
C ASP B 35 13.67 6.63 -0.73
N ILE B 36 12.39 6.49 -1.06
CA ILE B 36 11.31 6.21 -0.09
C ILE B 36 10.17 5.49 -0.79
N GLU B 37 9.41 4.68 -0.06
CA GLU B 37 8.26 3.94 -0.61
C GLU B 37 7.03 4.38 0.18
N VAL B 38 6.00 4.90 -0.49
CA VAL B 38 4.77 5.32 0.24
C VAL B 38 3.51 4.71 -0.41
N ASP B 39 2.71 3.97 0.34
CA ASP B 39 1.37 3.51 -0.10
C ASP B 39 0.27 4.13 0.75
N LEU B 40 -0.85 4.36 0.13
CA LEU B 40 -2.09 4.66 0.84
C LEU B 40 -2.95 3.41 0.81
N LEU B 41 -3.52 3.06 1.97
CA LEU B 41 -4.31 1.82 2.19
C LEU B 41 -5.79 2.20 2.41
N LYS B 42 -6.69 1.50 1.76
CA LYS B 42 -8.13 1.52 2.09
C LYS B 42 -8.49 0.15 2.67
N ASN B 43 -8.88 0.11 3.95
CA ASN B 43 -9.22 -1.11 4.73
C ASN B 43 -8.05 -2.13 4.58
N GLY B 44 -6.81 -1.66 4.65
CA GLY B 44 -5.58 -2.48 4.62
C GLY B 44 -5.11 -2.85 3.23
N GLU B 45 -5.83 -2.44 2.18
CA GLU B 45 -5.55 -2.72 0.75
C GLU B 45 -4.97 -1.47 0.09
N ARG B 46 -4.00 -1.66 -0.82
CA ARG B 46 -3.24 -0.59 -1.51
C ARG B 46 -4.15 0.10 -2.51
N ILE B 47 -4.29 1.42 -2.42
CA ILE B 47 -5.05 2.23 -3.42
C ILE B 47 -4.16 2.35 -4.66
N GLU B 48 -4.77 2.16 -5.83
CA GLU B 48 -4.08 2.22 -7.15
C GLU B 48 -4.14 3.68 -7.67
N LYS B 49 -3.19 4.06 -8.53
CA LYS B 49 -3.24 5.40 -9.18
C LYS B 49 -3.21 6.49 -8.09
N VAL B 50 -2.33 6.32 -7.11
CA VAL B 50 -1.98 7.39 -6.14
C VAL B 50 -0.94 8.28 -6.79
N GLU B 51 -1.07 9.59 -6.60
CA GLU B 51 -0.10 10.56 -7.16
C GLU B 51 0.86 11.04 -6.06
N HIS B 52 1.95 11.69 -6.46
CA HIS B 52 2.90 12.35 -5.53
C HIS B 52 3.43 13.65 -6.13
N SER B 53 3.76 14.61 -5.28
CA SER B 53 4.53 15.82 -5.66
C SER B 53 5.94 15.44 -6.18
N ASP B 54 6.66 16.40 -6.74
CA ASP B 54 8.06 16.27 -7.24
C ASP B 54 9.04 16.32 -6.05
N LEU B 55 10.05 15.48 -6.02
CA LEU B 55 11.12 15.53 -5.00
C LEU B 55 11.59 16.98 -4.80
N SER B 56 11.44 17.49 -3.58
CA SER B 56 11.90 18.82 -3.17
C SER B 56 12.50 18.69 -1.76
N PHE B 57 12.98 19.78 -1.21
CA PHE B 57 13.63 19.75 0.12
C PHE B 57 13.61 21.12 0.77
N SER B 58 13.78 21.07 2.09
CA SER B 58 13.68 22.24 2.98
C SER B 58 15.09 22.82 3.20
N LYS B 59 15.14 23.87 3.98
CA LYS B 59 16.35 24.65 4.32
C LYS B 59 17.42 23.74 4.94
N ASP B 60 17.00 22.67 5.60
CA ASP B 60 17.94 21.77 6.33
C ASP B 60 18.37 20.62 5.41
N TRP B 61 17.96 20.67 4.14
CA TRP B 61 18.39 19.75 3.07
C TRP B 61 17.58 18.46 3.13
N SER B 62 16.68 18.32 4.11
CA SER B 62 15.84 17.09 4.22
C SER B 62 14.72 17.15 3.17
N PHE B 63 14.41 15.99 2.60
CA PHE B 63 13.42 15.85 1.51
C PHE B 63 12.01 15.79 2.08
N TYR B 64 11.05 16.17 1.25
CA TYR B 64 9.61 16.06 1.52
C TYR B 64 8.90 15.63 0.23
N LEU B 65 7.87 14.81 0.38
CA LEU B 65 6.94 14.38 -0.70
C LEU B 65 5.52 14.35 -0.16
N LEU B 66 4.55 14.67 -1.00
CA LEU B 66 3.10 14.49 -0.69
C LEU B 66 2.57 13.40 -1.59
N TYR B 67 1.97 12.37 -1.02
CA TYR B 67 1.21 11.34 -1.75
C TYR B 67 -0.27 11.62 -1.48
N TYR B 68 -1.13 11.52 -2.51
CA TYR B 68 -2.55 11.92 -2.40
C TYR B 68 -3.39 11.18 -3.43
N THR B 69 -4.68 11.05 -3.09
CA THR B 69 -5.71 10.45 -3.96
C THR B 69 -7.05 11.10 -3.63
N GLU B 70 -7.89 11.28 -4.63
CA GLU B 70 -9.31 11.68 -4.42
C GLU B 70 -9.92 10.52 -3.67
N PHE B 71 -10.82 10.83 -2.74
CA PHE B 71 -11.68 9.85 -2.06
C PHE B 71 -12.90 10.55 -1.48
N THR B 72 -13.92 9.74 -1.22
CA THR B 72 -15.17 10.09 -0.52
C THR B 72 -15.24 9.30 0.78
N PRO B 73 -14.99 9.99 1.92
CA PRO B 73 -14.99 9.34 3.22
C PRO B 73 -16.40 8.84 3.50
N THR B 74 -16.43 7.78 4.31
CA THR B 74 -17.64 7.15 4.87
C THR B 74 -17.37 6.92 6.35
N GLU B 75 -18.40 6.59 7.10
CA GLU B 75 -18.29 6.34 8.55
C GLU B 75 -17.41 5.12 8.82
N LYS B 76 -17.50 4.09 7.98
CA LYS B 76 -16.85 2.78 8.23
C LYS B 76 -15.51 2.58 7.51
N ASP B 77 -15.20 3.33 6.47
CA ASP B 77 -13.94 3.07 5.70
C ASP B 77 -12.73 3.55 6.52
N GLU B 78 -11.73 2.71 6.76
CA GLU B 78 -10.48 3.13 7.42
C GLU B 78 -9.41 3.30 6.33
N TYR B 79 -8.50 4.22 6.56
CA TYR B 79 -7.45 4.67 5.61
C TYR B 79 -6.16 4.75 6.42
N ALA B 80 -5.05 4.46 5.77
CA ALA B 80 -3.74 4.44 6.44
C ALA B 80 -2.66 4.75 5.42
N CYS B 81 -1.51 5.18 5.90
CA CYS B 81 -0.30 5.38 5.10
C CYS B 81 0.77 4.42 5.60
N ARG B 82 1.47 3.74 4.68
CA ARG B 82 2.57 2.82 4.95
C ARG B 82 3.83 3.35 4.28
N VAL B 83 4.88 3.59 5.05
CA VAL B 83 6.15 4.24 4.56
C VAL B 83 7.31 3.28 4.83
N ASN B 84 8.16 3.07 3.85
CA ASN B 84 9.38 2.26 4.00
C ASN B 84 10.57 3.14 3.66
N HIS B 85 11.67 2.99 4.39
CA HIS B 85 12.85 3.87 4.28
C HIS B 85 14.03 3.15 4.93
N VAL B 86 15.24 3.41 4.44
CA VAL B 86 16.43 2.67 4.94
C VAL B 86 16.57 2.94 6.47
N THR B 87 16.03 4.05 6.99
CA THR B 87 16.09 4.34 8.44
C THR B 87 15.07 3.49 9.22
N LEU B 88 14.15 2.77 8.56
CA LEU B 88 13.10 2.00 9.30
C LEU B 88 13.47 0.52 9.32
N SER B 89 13.25 -0.14 10.46
CA SER B 89 13.53 -1.60 10.60
C SER B 89 12.37 -2.37 9.97
N GLN B 90 11.24 -1.69 9.82
CA GLN B 90 10.03 -2.21 9.16
C GLN B 90 9.21 -1.01 8.70
N PRO B 91 8.28 -1.16 7.74
CA PRO B 91 7.47 -0.06 7.28
C PRO B 91 6.59 0.47 8.40
N LYS B 92 6.40 1.78 8.41
CA LYS B 92 5.57 2.41 9.45
C LYS B 92 4.19 2.68 8.85
N ILE B 93 3.17 2.11 9.47
CA ILE B 93 1.74 2.39 9.12
C ILE B 93 1.20 3.43 10.11
N VAL B 94 0.74 4.56 9.60
CA VAL B 94 0.03 5.63 10.36
C VAL B 94 -1.40 5.64 9.83
N LYS B 95 -2.36 5.43 10.74
CA LYS B 95 -3.80 5.38 10.46
C LYS B 95 -4.28 6.81 10.25
N TRP B 96 -5.24 6.98 9.36
CA TRP B 96 -5.95 8.26 9.22
C TRP B 96 -6.98 8.41 10.34
N ASP B 97 -6.75 9.43 11.17
CA ASP B 97 -7.68 9.96 12.20
C ASP B 97 -8.32 11.25 11.68
N ARG B 98 -9.64 11.26 11.43
CA ARG B 98 -10.30 12.42 10.77
C ARG B 98 -10.25 13.66 11.68
N ASP B 99 -10.03 13.50 12.98
CA ASP B 99 -9.87 14.62 13.94
C ASP B 99 -8.45 15.25 13.88
N MET B 100 -7.57 14.89 12.92
CA MET B 100 -6.09 15.15 13.09
C MET B 100 -5.32 15.46 11.79
N GLY C 2 0.19 -11.44 17.31
CA GLY C 2 -0.51 -11.37 15.99
C GLY C 2 -1.98 -11.71 16.14
N SER C 3 -2.78 -11.30 15.17
CA SER C 3 -4.25 -11.52 15.13
C SER C 3 -4.57 -12.91 14.56
N HIS C 4 -5.74 -13.48 14.91
CA HIS C 4 -6.13 -14.87 14.51
C HIS C 4 -7.64 -15.00 14.22
N SER C 5 -7.96 -15.95 13.35
CA SER C 5 -9.35 -16.22 12.95
C SER C 5 -9.63 -17.73 13.03
N MET C 6 -10.89 -18.08 13.29
CA MET C 6 -11.47 -19.42 13.06
C MET C 6 -12.63 -19.28 12.08
N ARG C 7 -12.75 -20.16 11.11
CA ARG C 7 -13.84 -20.14 10.12
C ARG C 7 -14.32 -21.57 9.90
N TYR C 8 -15.63 -21.79 9.80
CA TYR C 8 -16.16 -23.06 9.27
C TYR C 8 -16.80 -22.74 7.92
N PHE C 9 -16.51 -23.57 6.93
CA PHE C 9 -17.05 -23.41 5.56
C PHE C 9 -17.88 -24.61 5.20
N TYR C 10 -19.20 -24.39 5.09
CA TYR C 10 -20.18 -25.47 4.82
C TYR C 10 -20.62 -25.35 3.37
N THR C 11 -20.66 -26.49 2.68
CA THR C 11 -21.30 -26.58 1.36
C THR C 11 -22.36 -27.69 1.37
N SER C 12 -23.58 -27.36 0.97
CA SER C 12 -24.68 -28.34 0.77
C SER C 12 -25.12 -28.30 -0.68
N VAL C 13 -25.21 -29.44 -1.32
CA VAL C 13 -25.66 -29.54 -2.72
C VAL C 13 -26.80 -30.54 -2.84
N SER C 14 -27.96 -30.06 -3.27
CA SER C 14 -29.15 -30.92 -3.49
C SER C 14 -28.93 -31.77 -4.74
N ARG C 15 -29.30 -33.04 -4.67
CA ARG C 15 -29.14 -33.98 -5.78
C ARG C 15 -30.52 -34.47 -6.17
N PRO C 16 -31.04 -34.15 -7.36
CA PRO C 16 -32.40 -34.52 -7.73
C PRO C 16 -32.75 -36.01 -7.64
N GLY C 17 -31.85 -36.91 -8.00
CA GLY C 17 -32.27 -38.32 -7.86
C GLY C 17 -31.44 -39.06 -6.84
N ARG C 18 -30.37 -38.44 -6.35
CA ARG C 18 -29.45 -39.15 -5.42
C ARG C 18 -30.09 -39.34 -4.05
N GLY C 19 -30.92 -38.40 -3.61
CA GLY C 19 -31.48 -38.58 -2.26
C GLY C 19 -31.11 -37.40 -1.39
N GLU C 20 -30.42 -37.64 -0.26
CA GLU C 20 -30.03 -36.55 0.67
C GLU C 20 -28.97 -35.67 0.01
N PRO C 21 -28.95 -34.36 0.30
CA PRO C 21 -27.95 -33.47 -0.24
C PRO C 21 -26.56 -33.80 0.32
N ARG C 22 -25.53 -33.59 -0.49
CA ARG C 22 -24.15 -33.80 -0.03
C ARG C 22 -23.79 -32.64 0.90
N PHE C 23 -23.18 -32.94 2.04
CA PHE C 23 -22.77 -31.85 2.95
C PHE C 23 -21.28 -31.95 3.20
N ILE C 24 -20.58 -30.84 2.96
CA ILE C 24 -19.10 -30.80 3.16
C ILE C 24 -18.78 -29.67 4.11
N SER C 25 -17.92 -29.95 5.07
CA SER C 25 -17.45 -28.92 6.00
C SER C 25 -15.92 -28.95 6.06
N VAL C 26 -15.32 -27.78 6.05
CA VAL C 26 -13.86 -27.65 6.25
C VAL C 26 -13.72 -26.58 7.32
N GLY C 27 -12.84 -26.80 8.28
CA GLY C 27 -12.55 -25.77 9.28
C GLY C 27 -11.16 -25.21 9.04
N TYR C 28 -11.01 -23.90 9.29
CA TYR C 28 -9.73 -23.15 9.16
C TYR C 28 -9.45 -22.42 10.48
N VAL C 29 -8.21 -22.55 10.96
CA VAL C 29 -7.54 -21.46 11.71
C VAL C 29 -6.64 -20.70 10.72
N ASP C 30 -6.87 -19.39 10.63
CA ASP C 30 -6.18 -18.51 9.66
C ASP C 30 -6.28 -19.21 8.29
N ASP C 31 -5.17 -19.55 7.63
CA ASP C 31 -5.20 -20.14 6.27
C ASP C 31 -4.73 -21.59 6.35
N THR C 32 -4.81 -22.18 7.56
CA THR C 32 -4.50 -23.61 7.85
C THR C 32 -5.81 -24.41 8.03
N GLN C 33 -6.09 -25.34 7.12
CA GLN C 33 -7.24 -26.26 7.25
C GLN C 33 -6.88 -27.29 8.34
N PHE C 34 -7.76 -27.51 9.34
CA PHE C 34 -7.49 -28.46 10.47
C PHE C 34 -8.50 -29.62 10.53
N VAL C 35 -9.69 -29.45 9.96
CA VAL C 35 -10.74 -30.51 10.00
C VAL C 35 -11.48 -30.51 8.68
N ARG C 36 -12.07 -31.65 8.40
CA ARG C 36 -13.05 -31.77 7.31
C ARG C 36 -14.13 -32.74 7.78
N PHE C 37 -15.30 -32.61 7.20
CA PHE C 37 -16.35 -33.64 7.24
C PHE C 37 -17.00 -33.67 5.86
N ASP C 38 -17.31 -34.84 5.33
CA ASP C 38 -17.95 -35.00 4.00
C ASP C 38 -18.94 -36.16 4.09
N SER C 39 -20.23 -35.89 3.87
CA SER C 39 -21.31 -36.89 3.99
C SER C 39 -21.19 -38.04 2.97
N ASP C 40 -20.38 -37.88 1.93
CA ASP C 40 -20.17 -38.91 0.86
C ASP C 40 -19.16 -39.98 1.28
N ALA C 41 -18.20 -39.66 2.17
CA ALA C 41 -17.16 -40.59 2.68
C ALA C 41 -17.79 -41.88 3.23
N ALA C 42 -16.94 -42.91 3.35
CA ALA C 42 -17.31 -44.31 3.63
C ALA C 42 -17.97 -44.36 5.01
N SER C 43 -17.28 -43.84 6.04
CA SER C 43 -17.84 -43.62 7.41
C SER C 43 -17.80 -42.13 7.71
N PRO C 44 -18.87 -41.37 7.46
CA PRO C 44 -18.80 -39.91 7.55
C PRO C 44 -18.54 -39.53 9.01
N ARG C 45 -17.36 -38.93 9.21
CA ARG C 45 -16.70 -38.63 10.50
C ARG C 45 -15.85 -37.38 10.31
N GLU C 46 -15.81 -36.50 11.30
CA GLU C 46 -14.84 -35.40 11.30
C GLU C 46 -13.47 -36.06 11.28
N GLU C 47 -12.58 -35.59 10.40
CA GLU C 47 -11.18 -36.12 10.26
C GLU C 47 -10.21 -34.97 10.49
N PRO C 48 -9.06 -35.21 11.14
CA PRO C 48 -7.99 -34.22 11.24
C PRO C 48 -7.32 -34.00 9.88
N ARG C 49 -6.92 -32.75 9.62
CA ARG C 49 -6.24 -32.30 8.39
C ARG C 49 -5.12 -31.35 8.80
N ALA C 50 -4.77 -31.28 10.07
CA ALA C 50 -3.54 -30.62 10.55
C ALA C 50 -3.01 -31.43 11.72
N PRO C 51 -1.68 -31.43 11.91
CA PRO C 51 -1.06 -32.24 12.96
C PRO C 51 -1.55 -31.87 14.37
N TRP C 52 -1.72 -30.57 14.66
CA TRP C 52 -1.89 -30.02 16.03
C TRP C 52 -3.30 -30.28 16.61
N ILE C 53 -4.22 -30.86 15.84
CA ILE C 53 -5.60 -31.18 16.30
C ILE C 53 -5.70 -32.70 16.50
N GLU C 54 -4.61 -33.43 16.25
CA GLU C 54 -4.65 -34.92 16.22
C GLU C 54 -4.65 -35.41 17.66
N GLN C 55 -4.20 -34.58 18.58
CA GLN C 55 -4.09 -34.88 20.04
C GLN C 55 -5.50 -34.91 20.66
N GLU C 56 -6.50 -34.25 20.07
CA GLU C 56 -7.92 -34.31 20.56
C GLU C 56 -8.38 -35.78 20.56
N GLY C 57 -9.17 -36.19 21.54
CA GLY C 57 -9.48 -37.61 21.79
C GLY C 57 -10.73 -38.07 21.05
N PRO C 58 -11.13 -39.36 21.22
CA PRO C 58 -12.34 -39.86 20.57
C PRO C 58 -13.58 -38.96 20.75
N GLU C 59 -13.79 -38.41 21.96
CA GLU C 59 -15.03 -37.64 22.31
C GLU C 59 -15.14 -36.41 21.41
N TYR C 60 -14.02 -35.79 21.06
CA TYR C 60 -13.98 -34.59 20.18
C TYR C 60 -14.61 -34.91 18.82
N TRP C 61 -14.08 -35.96 18.16
CA TRP C 61 -14.51 -36.44 16.83
C TRP C 61 -15.98 -36.92 16.87
N ASP C 62 -16.37 -37.77 17.82
CA ASP C 62 -17.78 -38.23 17.93
C ASP C 62 -18.68 -37.01 18.04
N ARG C 63 -18.34 -36.08 18.93
CA ARG C 63 -19.17 -34.87 19.18
C ARG C 63 -19.33 -34.08 17.88
N ASN C 64 -18.24 -33.82 17.17
CA ASN C 64 -18.29 -32.92 16.00
C ASN C 64 -19.06 -33.65 14.90
N THR C 65 -18.85 -34.96 14.79
CA THR C 65 -19.52 -35.83 13.81
C THR C 65 -21.03 -35.69 13.98
N GLN C 66 -21.54 -35.80 15.22
CA GLN C 66 -22.99 -35.65 15.53
C GLN C 66 -23.41 -34.24 15.09
N ILE C 67 -22.58 -33.23 15.31
CA ILE C 67 -22.98 -31.85 14.97
C ILE C 67 -23.14 -31.74 13.47
N TYR C 68 -22.18 -32.21 12.69
CA TYR C 68 -22.24 -32.04 11.21
C TYR C 68 -23.51 -32.77 10.74
N LYS C 69 -23.72 -33.99 11.19
CA LYS C 69 -24.92 -34.76 10.74
C LYS C 69 -26.21 -33.96 10.96
N ALA C 70 -26.36 -33.28 12.10
CA ALA C 70 -27.55 -32.43 12.35
C ALA C 70 -27.53 -31.21 11.42
N GLN C 71 -26.33 -30.63 11.20
CA GLN C 71 -26.20 -29.46 10.31
C GLN C 71 -26.71 -29.83 8.92
N ALA C 72 -26.39 -31.01 8.45
CA ALA C 72 -26.73 -31.49 7.08
C ALA C 72 -28.26 -31.62 6.98
N GLN C 73 -28.91 -32.09 8.04
CA GLN C 73 -30.40 -32.18 8.03
C GLN C 73 -30.98 -30.76 8.01
N THR C 74 -30.40 -29.85 8.76
CA THR C 74 -30.82 -28.44 8.78
C THR C 74 -30.73 -27.83 7.37
N ASP C 75 -29.53 -27.92 6.76
CA ASP C 75 -29.32 -27.40 5.38
C ASP C 75 -30.28 -28.05 4.37
N ARG C 76 -30.60 -29.32 4.54
CA ARG C 76 -31.61 -29.99 3.68
C ARG C 76 -32.91 -29.21 3.72
N GLU C 77 -33.33 -28.74 4.89
N GLU C 77 -33.36 -28.82 4.90
CA GLU C 77 -34.64 -28.04 5.03
CA GLU C 77 -34.63 -28.05 5.11
C GLU C 77 -34.52 -26.58 4.56
C GLU C 77 -34.47 -26.63 4.50
N SER C 78 -33.38 -25.94 4.83
CA SER C 78 -33.05 -24.63 4.21
C SER C 78 -33.16 -24.75 2.66
N LEU C 79 -32.64 -25.83 2.07
CA LEU C 79 -32.69 -25.97 0.59
C LEU C 79 -34.14 -26.13 0.15
N ARG C 80 -34.97 -26.87 0.89
CA ARG C 80 -36.40 -27.07 0.55
C ARG C 80 -37.03 -25.68 0.55
N ASN C 81 -36.74 -24.87 1.56
CA ASN C 81 -37.38 -23.53 1.70
C ASN C 81 -36.98 -22.64 0.52
N LEU C 82 -35.70 -22.70 0.15
CA LEU C 82 -35.13 -21.79 -0.89
C LEU C 82 -35.76 -22.11 -2.24
N ARG C 83 -35.98 -23.38 -2.50
CA ARG C 83 -36.66 -23.85 -3.72
C ARG C 83 -38.01 -23.16 -3.85
N GLY C 84 -38.82 -23.10 -2.78
CA GLY C 84 -40.14 -22.46 -2.81
C GLY C 84 -40.01 -20.96 -3.08
N TYR C 85 -39.14 -20.30 -2.33
CA TYR C 85 -38.96 -18.84 -2.41
C TYR C 85 -38.67 -18.43 -3.85
N TYR C 86 -37.85 -19.23 -4.56
CA TYR C 86 -37.38 -18.91 -5.92
C TYR C 86 -38.12 -19.75 -6.96
N ASN C 87 -39.16 -20.48 -6.57
CA ASN C 87 -40.04 -21.19 -7.55
C ASN C 87 -39.19 -22.15 -8.43
N GLN C 88 -38.26 -22.90 -7.84
CA GLN C 88 -37.35 -23.88 -8.49
C GLN C 88 -38.00 -25.28 -8.38
N SER C 89 -37.29 -26.36 -8.72
CA SER C 89 -37.79 -27.76 -8.56
C SER C 89 -36.70 -28.68 -8.02
N GLU C 90 -37.18 -29.83 -7.51
CA GLU C 90 -36.41 -31.04 -7.09
C GLU C 90 -35.59 -31.56 -8.31
N ALA C 91 -36.08 -31.37 -9.53
CA ALA C 91 -35.36 -31.76 -10.77
C ALA C 91 -34.05 -30.95 -10.91
N GLY C 92 -33.88 -29.84 -10.18
CA GLY C 92 -32.65 -29.02 -10.27
C GLY C 92 -31.76 -29.14 -9.03
N SER C 93 -30.46 -29.17 -9.26
CA SER C 93 -29.41 -29.11 -8.22
C SER C 93 -29.21 -27.66 -7.79
N HIS C 94 -29.02 -27.43 -6.49
CA HIS C 94 -28.85 -26.09 -5.89
C HIS C 94 -27.83 -26.20 -4.78
N THR C 95 -27.21 -25.07 -4.45
CA THR C 95 -26.04 -25.02 -3.53
C THR C 95 -26.30 -23.98 -2.45
N LEU C 96 -26.07 -24.36 -1.21
CA LEU C 96 -26.14 -23.45 -0.06
C LEU C 96 -24.80 -23.51 0.64
N GLN C 97 -24.20 -22.33 0.77
CA GLN C 97 -22.86 -22.16 1.37
C GLN C 97 -23.01 -21.29 2.60
N SER C 98 -22.25 -21.61 3.65
CA SER C 98 -22.25 -20.87 4.93
C SER C 98 -20.81 -20.65 5.27
N MET C 99 -20.57 -19.55 5.94
CA MET C 99 -19.24 -19.25 6.50
C MET C 99 -19.50 -18.46 7.77
N TYR C 100 -18.93 -18.94 8.86
CA TYR C 100 -18.99 -18.23 10.16
C TYR C 100 -17.69 -18.44 10.89
N GLY C 101 -17.47 -17.63 11.92
CA GLY C 101 -16.33 -17.75 12.81
C GLY C 101 -15.98 -16.42 13.40
N CYS C 102 -14.84 -16.39 14.10
CA CYS C 102 -14.44 -15.27 14.97
C CYS C 102 -13.03 -14.83 14.58
N ASP C 103 -12.76 -13.52 14.66
CA ASP C 103 -11.42 -12.88 14.65
C ASP C 103 -11.10 -12.41 16.08
N VAL C 104 -9.89 -12.69 16.53
CA VAL C 104 -9.36 -12.21 17.85
C VAL C 104 -8.02 -11.51 17.60
N GLY C 105 -7.72 -10.46 18.38
CA GLY C 105 -6.45 -9.72 18.32
C GLY C 105 -5.36 -10.47 19.08
N PRO C 106 -4.14 -9.92 19.21
CA PRO C 106 -3.09 -10.59 19.98
C PRO C 106 -3.56 -10.77 21.44
N ASP C 107 -4.41 -9.86 21.92
CA ASP C 107 -4.92 -9.98 23.32
C ASP C 107 -5.75 -11.25 23.46
N GLY C 108 -6.35 -11.72 22.36
CA GLY C 108 -7.11 -12.98 22.35
C GLY C 108 -8.61 -12.77 22.53
N ARG C 109 -9.03 -11.52 22.40
CA ARG C 109 -10.46 -11.18 22.58
C ARG C 109 -11.10 -10.95 21.21
N LEU C 110 -12.41 -11.08 21.15
CA LEU C 110 -13.14 -10.97 19.86
C LEU C 110 -12.86 -9.59 19.25
N LEU C 111 -12.45 -9.53 17.99
CA LEU C 111 -12.44 -8.26 17.23
C LEU C 111 -13.71 -8.20 16.39
N ARG C 112 -14.01 -9.31 15.71
CA ARG C 112 -15.16 -9.35 14.79
C ARG C 112 -15.67 -10.77 14.61
N GLY C 113 -16.99 -10.91 14.56
CA GLY C 113 -17.65 -12.20 14.27
C GLY C 113 -18.21 -12.17 12.87
N HIS C 114 -18.25 -13.31 12.21
CA HIS C 114 -18.75 -13.46 10.81
C HIS C 114 -19.76 -14.60 10.76
N ASP C 115 -20.86 -14.42 10.04
CA ASP C 115 -21.98 -15.40 9.97
C ASP C 115 -22.82 -15.06 8.73
N GLN C 116 -22.67 -15.81 7.63
CA GLN C 116 -23.27 -15.36 6.35
C GLN C 116 -23.45 -16.52 5.40
N TYR C 117 -24.20 -16.30 4.32
CA TYR C 117 -24.75 -17.37 3.47
C TYR C 117 -24.73 -16.95 2.00
N ALA C 118 -24.54 -17.95 1.12
CA ALA C 118 -24.76 -17.84 -0.34
C ALA C 118 -25.67 -18.97 -0.83
N TYR C 119 -26.59 -18.63 -1.72
CA TYR C 119 -27.49 -19.56 -2.44
C TYR C 119 -27.12 -19.49 -3.91
N ASP C 120 -26.76 -20.64 -4.49
CA ASP C 120 -26.42 -20.77 -5.93
C ASP C 120 -25.36 -19.73 -6.29
N GLY C 121 -24.37 -19.50 -5.41
CA GLY C 121 -23.14 -18.75 -5.69
C GLY C 121 -23.27 -17.24 -5.50
N LYS C 122 -24.42 -16.76 -5.01
CA LYS C 122 -24.70 -15.31 -4.79
C LYS C 122 -24.92 -15.09 -3.28
N ASP C 123 -24.43 -13.97 -2.77
CA ASP C 123 -24.75 -13.46 -1.41
C ASP C 123 -26.25 -13.64 -1.19
N TYR C 124 -26.66 -14.17 -0.04
CA TYR C 124 -28.10 -14.33 0.28
C TYR C 124 -28.43 -13.44 1.48
N ILE C 125 -27.80 -13.74 2.63
CA ILE C 125 -28.02 -12.97 3.87
C ILE C 125 -26.73 -13.03 4.66
N ALA C 126 -26.47 -11.98 5.41
CA ALA C 126 -25.29 -11.87 6.28
C ALA C 126 -25.71 -11.21 7.60
N LEU C 127 -25.15 -11.71 8.69
CA LEU C 127 -25.19 -11.03 10.00
C LEU C 127 -24.23 -9.84 9.89
N ASN C 128 -24.68 -8.70 10.41
CA ASN C 128 -23.88 -7.46 10.40
C ASN C 128 -22.84 -7.50 11.51
N GLU C 129 -21.90 -6.57 11.44
CA GLU C 129 -20.75 -6.54 12.36
C GLU C 129 -21.26 -6.33 13.78
N ASP C 130 -22.39 -5.65 13.93
CA ASP C 130 -23.03 -5.37 15.24
C ASP C 130 -23.59 -6.68 15.83
N LEU C 131 -23.74 -7.74 15.03
CA LEU C 131 -24.24 -9.08 15.45
C LEU C 131 -25.66 -8.95 16.03
N ARG C 132 -26.36 -7.87 15.68
CA ARG C 132 -27.74 -7.58 16.13
C ARG C 132 -28.69 -7.54 14.93
N SER C 133 -28.17 -7.44 13.70
CA SER C 133 -28.98 -7.10 12.50
C SER C 133 -28.47 -7.82 11.25
N TRP C 134 -29.32 -7.86 10.22
CA TRP C 134 -29.15 -8.66 8.99
C TRP C 134 -29.10 -7.77 7.75
N THR C 135 -28.27 -8.12 6.79
CA THR C 135 -28.29 -7.57 5.42
C THR C 135 -28.73 -8.69 4.48
N ALA C 136 -29.94 -8.54 3.93
CA ALA C 136 -30.55 -9.41 2.91
C ALA C 136 -30.16 -8.91 1.51
N ALA C 137 -29.70 -9.79 0.63
CA ALA C 137 -29.26 -9.40 -0.72
C ALA C 137 -30.49 -9.19 -1.64
N ASP C 138 -31.65 -9.80 -1.36
CA ASP C 138 -32.80 -9.78 -2.31
C ASP C 138 -34.12 -10.03 -1.56
N THR C 139 -35.24 -9.98 -2.28
CA THR C 139 -36.64 -10.10 -1.78
C THR C 139 -36.85 -11.40 -1.01
N ALA C 140 -36.21 -12.49 -1.49
CA ALA C 140 -36.35 -13.85 -0.93
C ALA C 140 -35.67 -13.90 0.43
N ALA C 141 -34.45 -13.38 0.50
CA ALA C 141 -33.66 -13.26 1.74
C ALA C 141 -34.46 -12.45 2.75
N GLN C 142 -35.31 -11.53 2.30
CA GLN C 142 -36.08 -10.67 3.23
C GLN C 142 -37.07 -11.57 3.97
N ILE C 143 -37.53 -12.65 3.34
CA ILE C 143 -38.41 -13.65 4.02
C ILE C 143 -37.60 -14.25 5.18
N THR C 144 -36.38 -14.69 4.89
CA THR C 144 -35.51 -15.30 5.93
C THR C 144 -35.27 -14.24 7.02
N GLN C 145 -34.95 -13.01 6.62
CA GLN C 145 -34.67 -11.89 7.56
C GLN C 145 -35.84 -11.74 8.54
N ARG C 146 -37.08 -11.75 8.07
CA ARG C 146 -38.24 -11.46 8.95
C ARG C 146 -38.46 -12.59 9.94
N LYS C 147 -38.32 -13.84 9.50
CA LYS C 147 -38.40 -15.02 10.40
C LYS C 147 -37.33 -14.89 11.49
N TRP C 148 -36.11 -14.54 11.10
CA TRP C 148 -34.96 -14.56 12.03
C TRP C 148 -35.06 -13.41 13.02
N GLU C 149 -35.59 -12.29 12.57
CA GLU C 149 -35.74 -11.10 13.44
C GLU C 149 -36.77 -11.42 14.49
N ALA C 150 -37.90 -11.99 14.08
CA ALA C 150 -39.07 -12.19 14.96
C ALA C 150 -38.74 -13.20 16.04
N ALA C 151 -37.89 -14.19 15.69
CA ALA C 151 -37.47 -15.30 16.56
C ALA C 151 -36.16 -14.97 17.30
N ARG C 152 -35.60 -13.77 17.09
CA ARG C 152 -34.43 -13.23 17.83
C ARG C 152 -33.24 -14.21 17.75
N GLU C 153 -33.12 -14.93 16.64
CA GLU C 153 -32.08 -15.97 16.42
C GLU C 153 -30.73 -15.27 16.34
N ALA C 154 -30.67 -13.97 16.03
CA ALA C 154 -29.37 -13.23 16.04
C ALA C 154 -28.67 -13.41 17.39
N GLU C 155 -29.43 -13.37 18.49
CA GLU C 155 -28.85 -13.33 19.87
C GLU C 155 -28.11 -14.63 20.14
N GLN C 156 -28.68 -15.77 19.70
CA GLN C 156 -28.12 -17.14 19.81
C GLN C 156 -26.80 -17.17 18.99
N ARG C 157 -26.78 -16.62 17.78
CA ARG C 157 -25.59 -16.58 16.89
C ARG C 157 -24.49 -15.73 17.53
N ARG C 158 -24.86 -14.59 18.14
CA ARG C 158 -23.93 -13.67 18.83
C ARG C 158 -23.26 -14.44 20.00
N ALA C 159 -24.02 -15.26 20.71
CA ALA C 159 -23.52 -16.00 21.89
C ALA C 159 -22.45 -17.00 21.43
N TYR C 160 -22.67 -17.73 20.33
CA TYR C 160 -21.65 -18.67 19.79
C TYR C 160 -20.37 -17.86 19.50
N LEU C 161 -20.49 -16.74 18.76
CA LEU C 161 -19.32 -16.05 18.14
C LEU C 161 -18.50 -15.35 19.22
N GLU C 162 -19.16 -14.80 20.22
CA GLU C 162 -18.52 -14.05 21.34
C GLU C 162 -18.00 -15.03 22.40
N GLY C 163 -18.54 -16.26 22.46
CA GLY C 163 -18.31 -17.25 23.54
C GLY C 163 -17.45 -18.40 23.06
N GLU C 164 -18.09 -19.54 22.78
CA GLU C 164 -17.49 -20.79 22.24
C GLU C 164 -16.42 -20.51 21.16
N CYS C 165 -16.77 -19.76 20.13
CA CYS C 165 -15.92 -19.62 18.92
C CYS C 165 -14.54 -19.18 19.40
N VAL C 166 -14.53 -18.20 20.27
CA VAL C 166 -13.32 -17.58 20.88
C VAL C 166 -12.59 -18.62 21.73
N GLU C 167 -13.31 -19.34 22.61
CA GLU C 167 -12.71 -20.35 23.51
C GLU C 167 -12.03 -21.44 22.64
N TRP C 168 -12.71 -22.01 21.63
CA TRP C 168 -12.11 -23.08 20.78
C TRP C 168 -10.87 -22.53 20.05
N LEU C 169 -10.94 -21.31 19.52
CA LEU C 169 -9.82 -20.72 18.74
C LEU C 169 -8.62 -20.61 19.67
N ARG C 170 -8.85 -20.10 20.87
CA ARG C 170 -7.81 -19.92 21.91
C ARG C 170 -7.14 -21.27 22.18
N ARG C 171 -7.92 -22.33 22.31
CA ARG C 171 -7.42 -23.69 22.60
C ARG C 171 -6.61 -24.20 21.39
N TYR C 172 -7.11 -24.03 20.17
CA TYR C 172 -6.40 -24.48 18.95
C TYR C 172 -5.06 -23.74 18.81
N LEU C 173 -4.98 -22.46 19.20
CA LEU C 173 -3.73 -21.65 19.06
C LEU C 173 -2.68 -22.22 20.03
N GLU C 174 -3.10 -22.51 21.27
CA GLU C 174 -2.23 -23.18 22.27
C GLU C 174 -1.82 -24.55 21.71
N ASN C 175 -2.79 -25.39 21.31
CA ASN C 175 -2.54 -26.75 20.75
C ASN C 175 -1.46 -26.70 19.67
N GLY C 176 -1.41 -25.63 18.86
CA GLY C 176 -0.62 -25.60 17.63
C GLY C 176 0.28 -24.40 17.55
N LYS C 177 0.76 -23.90 18.70
CA LYS C 177 1.53 -22.62 18.83
C LYS C 177 2.60 -22.47 17.75
N ASP C 178 3.51 -23.45 17.60
CA ASP C 178 4.71 -23.38 16.71
C ASP C 178 4.26 -23.25 15.24
N LYS C 179 3.34 -24.11 14.81
CA LYS C 179 2.95 -24.19 13.37
C LYS C 179 2.00 -23.02 12.99
N LEU C 180 1.57 -22.15 13.91
CA LEU C 180 0.49 -21.15 13.60
C LEU C 180 0.96 -19.70 13.81
N GLU C 181 1.91 -19.42 14.72
CA GLU C 181 2.46 -18.04 14.89
C GLU C 181 3.55 -17.83 13.81
N ARG C 182 3.94 -18.88 13.06
CA ARG C 182 4.96 -18.81 11.97
C ARG C 182 4.44 -17.93 10.80
N ALA C 183 5.34 -17.12 10.27
CA ALA C 183 5.28 -16.58 8.89
C ALA C 183 6.53 -17.08 8.16
N ASP C 184 6.38 -17.92 7.11
CA ASP C 184 7.49 -18.40 6.24
C ASP C 184 7.64 -17.42 5.09
N PRO C 185 8.75 -16.64 5.01
CA PRO C 185 8.90 -15.64 3.95
C PRO C 185 9.01 -16.30 2.61
N PRO C 186 8.75 -15.58 1.50
CA PRO C 186 8.99 -16.10 0.15
C PRO C 186 10.46 -16.17 -0.26
N LYS C 187 10.78 -17.29 -0.91
CA LYS C 187 11.90 -17.46 -1.87
C LYS C 187 11.53 -16.72 -3.18
N THR C 188 12.31 -15.70 -3.52
CA THR C 188 12.04 -14.77 -4.62
C THR C 188 13.17 -14.88 -5.64
N HIS C 189 12.82 -14.82 -6.91
CA HIS C 189 13.79 -14.60 -8.02
C HIS C 189 13.04 -14.05 -9.24
N VAL C 190 13.80 -13.54 -10.20
CA VAL C 190 13.29 -13.02 -11.48
C VAL C 190 13.84 -13.89 -12.60
N THR C 191 12.98 -14.27 -13.54
CA THR C 191 13.33 -15.02 -14.76
C THR C 191 13.08 -14.13 -15.98
N HIS C 192 13.83 -14.40 -17.06
CA HIS C 192 13.90 -13.63 -18.32
C HIS C 192 13.48 -14.56 -19.46
N HIS C 193 12.39 -14.26 -20.17
CA HIS C 193 11.81 -15.16 -21.21
C HIS C 193 11.69 -14.41 -22.52
N PRO C 194 12.68 -14.52 -23.44
CA PRO C 194 12.56 -13.82 -24.72
C PRO C 194 11.31 -14.32 -25.46
N ILE C 195 10.62 -13.41 -26.15
CA ILE C 195 9.54 -13.71 -27.14
C ILE C 195 10.18 -13.69 -28.55
N SER C 196 10.63 -12.51 -28.94
CA SER C 196 11.21 -12.19 -30.27
C SER C 196 12.71 -11.93 -30.08
N ASP C 197 13.34 -11.25 -31.03
CA ASP C 197 14.67 -10.61 -30.85
C ASP C 197 14.48 -9.38 -29.94
N HIS C 198 13.34 -8.68 -30.03
CA HIS C 198 13.20 -7.26 -29.56
C HIS C 198 12.32 -7.14 -28.31
N GLU C 199 11.98 -8.24 -27.64
CA GLU C 199 10.95 -8.23 -26.56
C GLU C 199 11.13 -9.41 -25.60
N ALA C 200 11.02 -9.14 -24.30
CA ALA C 200 11.18 -10.16 -23.24
C ALA C 200 10.10 -10.01 -22.17
N THR C 201 9.64 -11.15 -21.62
CA THR C 201 8.88 -11.24 -20.34
C THR C 201 9.86 -11.31 -19.15
N LEU C 202 9.74 -10.37 -18.20
CA LEU C 202 10.34 -10.48 -16.84
C LEU C 202 9.25 -11.02 -15.93
N ARG C 203 9.56 -12.14 -15.31
CA ARG C 203 8.64 -12.80 -14.38
C ARG C 203 9.34 -12.77 -13.02
N CYS C 204 8.65 -12.16 -12.06
CA CYS C 204 9.04 -12.09 -10.66
C CYS C 204 8.29 -13.15 -9.88
N TRP C 205 8.99 -14.09 -9.25
CA TRP C 205 8.40 -15.25 -8.52
C TRP C 205 8.51 -15.08 -6.99
N ALA C 206 7.51 -15.59 -6.29
CA ALA C 206 7.49 -15.81 -4.82
C ALA C 206 7.02 -17.23 -4.56
N LEU C 207 7.85 -18.07 -3.92
CA LEU C 207 7.54 -19.49 -3.61
C LEU C 207 7.70 -19.80 -2.11
N GLY C 208 6.85 -20.70 -1.60
CA GLY C 208 6.98 -21.37 -0.31
C GLY C 208 6.63 -20.46 0.84
N PHE C 209 5.73 -19.50 0.65
CA PHE C 209 5.39 -18.49 1.69
C PHE C 209 4.09 -18.92 2.39
N TYR C 210 4.00 -18.56 3.66
CA TYR C 210 2.77 -18.63 4.47
C TYR C 210 2.86 -17.46 5.42
N PRO C 211 1.77 -16.69 5.66
CA PRO C 211 0.47 -16.93 5.04
C PRO C 211 0.38 -16.57 3.54
N ALA C 212 -0.81 -16.70 2.94
CA ALA C 212 -1.06 -16.52 1.48
C ALA C 212 -1.00 -15.04 1.03
N GLU C 213 -1.48 -14.12 1.85
CA GLU C 213 -1.50 -12.66 1.54
C GLU C 213 -0.07 -12.29 1.17
N ILE C 214 0.12 -11.64 0.03
CA ILE C 214 1.46 -11.17 -0.47
C ILE C 214 1.19 -10.09 -1.50
N THR C 215 2.10 -9.18 -1.72
CA THR C 215 1.97 -8.21 -2.81
C THR C 215 3.22 -8.33 -3.68
N LEU C 216 3.04 -8.46 -4.98
CA LEU C 216 4.08 -8.47 -6.02
C LEU C 216 3.79 -7.33 -6.98
N THR C 217 4.71 -6.41 -7.15
CA THR C 217 4.55 -5.28 -8.11
C THR C 217 5.87 -5.04 -8.84
N TRP C 218 5.74 -4.58 -10.08
CA TRP C 218 6.86 -4.20 -10.96
C TRP C 218 6.92 -2.69 -11.02
N GLN C 219 8.09 -2.13 -11.27
CA GLN C 219 8.20 -0.67 -11.43
C GLN C 219 9.09 -0.42 -12.63
N ARG C 220 8.68 0.45 -13.55
CA ARG C 220 9.58 0.79 -14.67
C ARG C 220 10.20 2.13 -14.29
N ASP C 221 11.47 2.12 -13.95
CA ASP C 221 12.20 3.36 -13.56
C ASP C 221 11.51 4.05 -12.38
N GLY C 222 11.05 3.29 -11.41
CA GLY C 222 10.45 3.84 -10.17
C GLY C 222 8.94 4.02 -10.20
N GLU C 223 8.27 3.68 -11.29
CA GLU C 223 6.80 3.88 -11.29
C GLU C 223 6.10 2.55 -11.56
N ASP C 224 4.97 2.32 -10.89
CA ASP C 224 4.15 1.07 -10.92
C ASP C 224 3.69 0.77 -12.34
N GLN C 225 3.57 -0.52 -12.66
CA GLN C 225 3.17 -0.96 -14.02
C GLN C 225 1.88 -1.77 -13.98
N THR C 226 1.07 -1.57 -12.93
CA THR C 226 -0.20 -2.31 -12.71
C THR C 226 -1.00 -2.48 -14.01
N GLN C 227 -1.04 -1.41 -14.81
CA GLN C 227 -1.74 -1.42 -16.12
C GLN C 227 -1.12 -2.48 -17.04
N ASP C 228 0.20 -2.60 -17.01
CA ASP C 228 0.98 -3.49 -17.91
C ASP C 228 1.44 -4.77 -17.20
N THR C 229 1.00 -5.04 -15.98
CA THR C 229 1.49 -6.25 -15.28
C THR C 229 0.52 -7.42 -15.29
N GLU C 230 0.95 -8.59 -15.77
CA GLU C 230 0.17 -9.85 -15.65
C GLU C 230 0.42 -10.40 -14.24
N LEU C 231 -0.62 -10.80 -13.56
CA LEU C 231 -0.48 -11.15 -12.15
C LEU C 231 -1.34 -12.38 -11.93
N VAL C 232 -0.75 -13.55 -11.70
CA VAL C 232 -1.54 -14.80 -11.49
C VAL C 232 -2.12 -14.80 -10.07
N GLU C 233 -3.22 -15.49 -9.90
CA GLU C 233 -3.87 -15.67 -8.61
C GLU C 233 -2.90 -16.54 -7.78
N THR C 234 -2.63 -16.12 -6.54
CA THR C 234 -1.94 -16.87 -5.47
C THR C 234 -2.53 -18.28 -5.39
N ARG C 235 -1.66 -19.27 -5.43
CA ARG C 235 -2.01 -20.69 -5.64
C ARG C 235 -1.26 -21.53 -4.62
N PRO C 236 -1.87 -22.62 -4.16
CA PRO C 236 -1.22 -23.49 -3.18
C PRO C 236 -0.18 -24.38 -3.87
N ALA C 237 0.91 -24.65 -3.15
CA ALA C 237 2.05 -25.51 -3.55
C ALA C 237 1.67 -26.98 -3.29
N GLY C 238 0.89 -27.22 -2.25
CA GLY C 238 0.41 -28.56 -1.90
C GLY C 238 0.96 -29.05 -0.58
N ASP C 239 1.93 -28.29 -0.02
CA ASP C 239 2.63 -28.60 1.25
C ASP C 239 2.26 -27.56 2.29
N ARG C 240 1.13 -26.87 2.11
CA ARG C 240 0.61 -25.83 3.05
C ARG C 240 1.36 -24.50 2.88
N THR C 241 2.13 -24.31 1.79
CA THR C 241 2.69 -22.98 1.39
C THR C 241 2.07 -22.54 0.06
N PHE C 242 2.40 -21.33 -0.39
CA PHE C 242 1.72 -20.67 -1.53
C PHE C 242 2.79 -20.19 -2.53
N GLN C 243 2.32 -19.84 -3.73
CA GLN C 243 3.15 -19.40 -4.87
C GLN C 243 2.44 -18.25 -5.58
N LYS C 244 3.20 -17.40 -6.25
CA LYS C 244 2.67 -16.25 -7.01
C LYS C 244 3.75 -15.74 -7.93
N TRP C 245 3.37 -15.19 -9.07
CA TRP C 245 4.35 -14.48 -9.92
C TRP C 245 3.65 -13.27 -10.55
N ALA C 246 4.44 -12.30 -10.95
CA ALA C 246 3.99 -11.09 -11.66
C ALA C 246 4.91 -10.92 -12.87
N ALA C 247 4.33 -10.74 -14.05
CA ALA C 247 5.11 -10.61 -15.30
C ALA C 247 4.80 -9.26 -15.92
N VAL C 248 5.77 -8.74 -16.63
CA VAL C 248 5.66 -7.44 -17.33
C VAL C 248 6.47 -7.62 -18.62
N VAL C 249 5.87 -7.34 -19.77
CA VAL C 249 6.61 -7.49 -21.05
C VAL C 249 7.46 -6.24 -21.23
N VAL C 250 8.74 -6.42 -21.49
CA VAL C 250 9.63 -5.23 -21.54
C VAL C 250 10.46 -5.24 -22.82
N PRO C 251 10.79 -4.06 -23.37
CA PRO C 251 11.55 -3.97 -24.60
C PRO C 251 12.93 -4.60 -24.39
N SER C 252 13.44 -5.32 -25.40
CA SER C 252 14.78 -5.92 -25.19
C SER C 252 15.80 -4.81 -24.98
N GLY C 253 16.68 -4.98 -24.00
CA GLY C 253 17.73 -3.99 -23.68
C GLY C 253 17.27 -2.97 -22.67
N GLU C 254 16.06 -3.13 -22.15
CA GLU C 254 15.48 -2.15 -21.21
C GLU C 254 15.30 -2.81 -19.82
N GLU C 255 15.87 -4.00 -19.64
CA GLU C 255 15.77 -4.81 -18.40
C GLU C 255 16.16 -4.05 -17.13
N GLN C 256 17.22 -3.26 -17.15
CA GLN C 256 17.72 -2.55 -15.93
C GLN C 256 16.70 -1.56 -15.34
N ARG C 257 15.83 -0.98 -16.17
CA ARG C 257 14.82 0.00 -15.69
C ARG C 257 13.84 -0.64 -14.70
N TYR C 258 13.45 -1.89 -14.93
CA TYR C 258 12.43 -2.59 -14.10
C TYR C 258 12.96 -3.17 -12.78
N THR C 259 12.13 -3.05 -11.74
CA THR C 259 12.39 -3.67 -10.42
C THR C 259 11.12 -4.34 -9.91
N CYS C 260 11.26 -5.48 -9.24
CA CYS C 260 10.13 -6.22 -8.63
C CYS C 260 10.12 -5.94 -7.12
N HIS C 261 8.95 -5.68 -6.55
CA HIS C 261 8.78 -5.33 -5.09
C HIS C 261 7.93 -6.40 -4.44
N VAL C 262 8.42 -6.98 -3.36
CA VAL C 262 7.71 -8.08 -2.64
C VAL C 262 7.41 -7.62 -1.22
N GLN C 263 6.14 -7.54 -0.85
CA GLN C 263 5.71 -7.39 0.57
C GLN C 263 5.11 -8.70 1.05
N HIS C 264 5.50 -9.19 2.22
CA HIS C 264 4.93 -10.41 2.86
C HIS C 264 5.12 -10.29 4.37
N GLU C 265 4.19 -10.80 5.18
CA GLU C 265 4.31 -10.74 6.67
C GLU C 265 5.68 -11.25 7.16
N GLY C 266 6.22 -12.28 6.50
CA GLY C 266 7.46 -12.94 6.91
C GLY C 266 8.71 -12.16 6.53
N LEU C 267 8.56 -11.06 5.77
CA LEU C 267 9.64 -10.07 5.44
C LEU C 267 9.38 -8.80 6.23
N PRO C 268 10.18 -8.54 7.27
CA PRO C 268 10.08 -7.27 7.98
C PRO C 268 10.33 -6.13 7.00
N LYS C 269 11.35 -6.25 6.15
CA LYS C 269 11.64 -5.23 5.11
C LYS C 269 11.23 -5.84 3.77
N PRO C 270 10.47 -5.10 2.95
CA PRO C 270 10.08 -5.60 1.63
C PRO C 270 11.33 -5.62 0.74
N LEU C 271 11.32 -6.51 -0.25
CA LEU C 271 12.52 -6.82 -1.07
C LEU C 271 12.37 -6.15 -2.43
N THR C 272 13.49 -5.77 -3.03
CA THR C 272 13.58 -5.19 -4.39
C THR C 272 14.40 -6.17 -5.23
N LEU C 273 13.77 -6.84 -6.18
CA LEU C 273 14.48 -7.74 -7.14
C LEU C 273 14.68 -7.03 -8.49
N ARG C 274 15.67 -7.46 -9.27
CA ARG C 274 15.84 -7.01 -10.67
C ARG C 274 16.54 -8.09 -11.47
N TRP C 275 16.41 -8.04 -12.79
CA TRP C 275 17.17 -8.90 -13.72
C TRP C 275 18.51 -8.22 -14.02
N GLU C 276 19.59 -8.91 -13.71
CA GLU C 276 20.98 -8.38 -13.82
C GLU C 276 21.94 -9.59 -13.79
N MET D 1 -29.21 -17.68 -9.61
CA MET D 1 -28.38 -18.84 -10.00
C MET D 1 -27.20 -18.38 -10.88
N ILE D 2 -26.17 -17.83 -10.24
CA ILE D 2 -24.93 -17.40 -10.94
C ILE D 2 -24.08 -18.63 -11.29
N GLN D 3 -23.40 -18.60 -12.43
CA GLN D 3 -22.42 -19.67 -12.79
C GLN D 3 -21.07 -18.99 -13.07
N ARG D 4 -19.99 -19.57 -12.56
CA ARG D 4 -18.64 -19.01 -12.81
C ARG D 4 -17.79 -20.09 -13.46
N THR D 5 -17.05 -19.75 -14.52
CA THR D 5 -16.24 -20.73 -15.26
C THR D 5 -14.92 -20.86 -14.49
N PRO D 6 -14.35 -22.06 -14.36
CA PRO D 6 -13.10 -22.22 -13.63
C PRO D 6 -11.91 -21.48 -14.28
N LYS D 7 -11.02 -20.92 -13.47
CA LYS D 7 -9.65 -20.55 -13.85
C LYS D 7 -8.77 -21.77 -13.55
N ILE D 8 -7.70 -21.92 -14.31
CA ILE D 8 -6.84 -23.14 -14.32
C ILE D 8 -5.40 -22.66 -14.33
N GLN D 9 -4.57 -23.18 -13.41
CA GLN D 9 -3.09 -23.09 -13.48
C GLN D 9 -2.50 -24.48 -13.27
N VAL D 10 -1.56 -24.84 -14.13
CA VAL D 10 -0.82 -26.11 -14.02
C VAL D 10 0.63 -25.67 -13.75
N TYR D 11 1.22 -26.22 -12.70
CA TYR D 11 2.54 -25.80 -12.14
C TYR D 11 3.10 -26.94 -11.28
N SER D 12 4.42 -26.99 -11.12
CA SER D 12 5.13 -27.92 -10.21
C SER D 12 5.22 -27.30 -8.80
N ARG D 13 5.24 -28.14 -7.76
CA ARG D 13 5.38 -27.73 -6.33
C ARG D 13 6.72 -27.01 -6.14
N HIS D 14 7.79 -27.58 -6.68
CA HIS D 14 9.16 -27.00 -6.60
C HIS D 14 9.49 -26.56 -8.02
N PRO D 15 10.48 -25.65 -8.19
CA PRO D 15 10.93 -25.28 -9.53
C PRO D 15 11.44 -26.56 -10.21
N ALA D 16 10.95 -26.84 -11.41
CA ALA D 16 11.15 -28.14 -12.08
C ALA D 16 12.62 -28.32 -12.47
N GLU D 17 13.16 -29.52 -12.24
CA GLU D 17 14.46 -29.97 -12.79
C GLU D 17 14.30 -31.35 -13.41
N ASN D 18 14.72 -31.51 -14.66
CA ASN D 18 14.66 -32.80 -15.38
C ASN D 18 15.33 -33.83 -14.48
N GLY D 19 14.70 -34.99 -14.32
CA GLY D 19 15.27 -36.10 -13.54
C GLY D 19 15.01 -35.99 -12.05
N LYS D 20 14.47 -34.86 -11.53
CA LYS D 20 14.26 -34.66 -10.06
C LYS D 20 12.76 -34.71 -9.69
N SER D 21 12.44 -35.55 -8.71
CA SER D 21 11.07 -35.85 -8.24
C SER D 21 10.40 -34.57 -7.72
N ASN D 22 9.08 -34.53 -7.73
CA ASN D 22 8.32 -33.27 -7.67
C ASN D 22 6.83 -33.64 -7.54
N PHE D 23 5.97 -32.64 -7.52
CA PHE D 23 4.50 -32.82 -7.56
C PHE D 23 3.97 -31.86 -8.63
N LEU D 24 3.21 -32.42 -9.56
CA LEU D 24 2.47 -31.66 -10.59
C LEU D 24 1.12 -31.27 -10.01
N ASN D 25 0.78 -29.99 -10.12
CA ASN D 25 -0.45 -29.37 -9.54
C ASN D 25 -1.30 -28.82 -10.68
N CYS D 26 -2.62 -28.97 -10.54
CA CYS D 26 -3.62 -28.22 -11.32
C CYS D 26 -4.54 -27.59 -10.30
N TYR D 27 -4.50 -26.27 -10.26
CA TYR D 27 -5.33 -25.47 -9.32
C TYR D 27 -6.49 -24.91 -10.14
N VAL D 28 -7.70 -25.33 -9.78
CA VAL D 28 -8.96 -24.89 -10.43
C VAL D 28 -9.68 -24.05 -9.37
N SER D 29 -10.00 -22.83 -9.72
CA SER D 29 -10.49 -21.82 -8.78
C SER D 29 -11.49 -20.95 -9.53
N GLY D 30 -12.29 -20.18 -8.78
CA GLY D 30 -13.23 -19.15 -9.27
C GLY D 30 -14.50 -19.73 -9.89
N PHE D 31 -14.78 -21.02 -9.69
CA PHE D 31 -15.88 -21.74 -10.37
C PHE D 31 -17.13 -21.90 -9.47
N HIS D 32 -18.29 -22.10 -10.11
CA HIS D 32 -19.61 -22.36 -9.50
C HIS D 32 -20.56 -22.88 -10.57
N PRO D 33 -21.36 -23.94 -10.35
CA PRO D 33 -21.39 -24.66 -9.07
C PRO D 33 -20.16 -25.56 -8.87
N SER D 34 -20.20 -26.42 -7.84
CA SER D 34 -19.07 -27.17 -7.22
C SER D 34 -18.71 -28.44 -8.02
N ASP D 35 -19.63 -29.02 -8.76
CA ASP D 35 -19.37 -30.16 -9.67
C ASP D 35 -18.29 -29.80 -10.68
N ILE D 36 -17.17 -30.53 -10.72
CA ILE D 36 -16.10 -30.32 -11.72
C ILE D 36 -15.32 -31.62 -11.97
N GLU D 37 -14.76 -31.81 -13.17
CA GLU D 37 -13.94 -33.00 -13.51
C GLU D 37 -12.57 -32.49 -13.95
N VAL D 38 -11.52 -33.09 -13.42
CA VAL D 38 -10.14 -32.60 -13.59
C VAL D 38 -9.26 -33.82 -13.80
N ASP D 39 -8.66 -33.86 -14.97
CA ASP D 39 -7.65 -34.85 -15.40
C ASP D 39 -6.29 -34.16 -15.44
N LEU D 40 -5.29 -34.90 -15.01
CA LEU D 40 -3.88 -34.57 -15.33
C LEU D 40 -3.46 -35.52 -16.44
N LEU D 41 -2.88 -34.96 -17.50
CA LEU D 41 -2.48 -35.73 -18.70
C LEU D 41 -0.96 -35.81 -18.74
N LYS D 42 -0.45 -37.01 -19.00
CA LYS D 42 0.95 -37.19 -19.44
C LYS D 42 0.92 -37.64 -20.92
N ASN D 43 1.44 -36.80 -21.82
CA ASN D 43 1.53 -37.08 -23.28
C ASN D 43 0.13 -37.40 -23.82
N GLY D 44 -0.89 -36.68 -23.34
CA GLY D 44 -2.29 -36.79 -23.80
C GLY D 44 -3.06 -37.90 -23.10
N GLU D 45 -2.42 -38.65 -22.20
CA GLU D 45 -3.03 -39.79 -21.48
C GLU D 45 -3.23 -39.43 -20.00
N ARG D 46 -4.34 -39.92 -19.46
CA ARG D 46 -4.87 -39.65 -18.09
C ARG D 46 -3.98 -40.31 -17.05
N ILE D 47 -3.43 -39.56 -16.11
CA ILE D 47 -2.61 -40.13 -14.99
C ILE D 47 -3.60 -40.69 -13.97
N GLU D 48 -3.28 -41.86 -13.41
CA GLU D 48 -4.21 -42.71 -12.62
C GLU D 48 -4.16 -42.38 -11.11
N LYS D 49 -3.00 -42.10 -10.52
CA LYS D 49 -2.86 -42.13 -9.03
C LYS D 49 -2.99 -40.71 -8.42
N VAL D 50 -3.91 -39.91 -8.95
CA VAL D 50 -4.02 -38.44 -8.69
C VAL D 50 -4.92 -38.19 -7.48
N GLU D 51 -4.56 -37.21 -6.64
CA GLU D 51 -5.34 -36.81 -5.44
C GLU D 51 -5.82 -35.35 -5.57
N HIS D 52 -6.70 -34.93 -4.66
CA HIS D 52 -7.28 -33.57 -4.64
C HIS D 52 -7.55 -33.09 -3.20
N SER D 53 -7.45 -31.78 -2.99
CA SER D 53 -7.80 -31.13 -1.71
C SER D 53 -9.31 -31.29 -1.46
N ASP D 54 -9.76 -30.93 -0.26
CA ASP D 54 -11.20 -30.84 0.12
C ASP D 54 -11.84 -29.59 -0.52
N LEU D 55 -13.04 -29.75 -1.07
CA LEU D 55 -13.79 -28.61 -1.64
C LEU D 55 -13.85 -27.51 -0.57
N SER D 56 -13.34 -26.33 -0.93
CA SER D 56 -13.38 -25.11 -0.09
C SER D 56 -13.75 -23.94 -1.01
N PHE D 57 -13.77 -22.72 -0.47
CA PHE D 57 -14.20 -21.57 -1.29
C PHE D 57 -13.69 -20.26 -0.69
N SER D 58 -13.71 -19.24 -1.54
CA SER D 58 -13.13 -17.90 -1.32
C SER D 58 -14.18 -16.96 -0.72
N LYS D 59 -13.76 -15.74 -0.42
CA LYS D 59 -14.60 -14.63 0.11
C LYS D 59 -15.81 -14.48 -0.82
N ASP D 60 -15.63 -14.74 -2.11
CA ASP D 60 -16.64 -14.48 -3.16
C ASP D 60 -17.51 -15.72 -3.37
N TRP D 61 -17.31 -16.76 -2.57
CA TRP D 61 -18.16 -18.01 -2.54
C TRP D 61 -17.77 -18.94 -3.69
N SER D 62 -16.80 -18.56 -4.53
CA SER D 62 -16.34 -19.40 -5.66
C SER D 62 -15.48 -20.52 -5.08
N PHE D 63 -15.58 -21.69 -5.68
CA PHE D 63 -14.90 -22.91 -5.20
C PHE D 63 -13.49 -22.94 -5.75
N TYR D 64 -12.64 -23.69 -5.05
CA TYR D 64 -11.26 -23.99 -5.47
C TYR D 64 -10.88 -25.41 -5.02
N LEU D 65 -10.13 -26.09 -5.85
CA LEU D 65 -9.57 -27.44 -5.60
C LEU D 65 -8.14 -27.48 -6.16
N LEU D 66 -7.30 -28.28 -5.51
CA LEU D 66 -5.97 -28.64 -5.99
C LEU D 66 -5.98 -30.12 -6.36
N TYR D 67 -5.61 -30.43 -7.60
CA TYR D 67 -5.34 -31.81 -8.06
C TYR D 67 -3.83 -31.91 -8.18
N TYR D 68 -3.24 -33.03 -7.77
CA TYR D 68 -1.77 -33.19 -7.70
C TYR D 68 -1.40 -34.67 -7.76
N THR D 69 -0.18 -34.94 -8.21
CA THR D 69 0.44 -36.29 -8.28
C THR D 69 1.96 -36.12 -8.26
N GLU D 70 2.69 -37.07 -7.69
CA GLU D 70 4.16 -37.18 -7.82
C GLU D 70 4.45 -37.28 -9.31
N PHE D 71 5.56 -36.71 -9.78
CA PHE D 71 6.13 -36.98 -11.11
C PHE D 71 7.59 -36.55 -11.17
N THR D 72 8.30 -37.09 -12.16
CA THR D 72 9.70 -36.75 -12.54
C THR D 72 9.71 -36.16 -13.94
N PRO D 73 9.82 -34.82 -14.07
CA PRO D 73 9.87 -34.16 -15.37
C PRO D 73 11.11 -34.63 -16.13
N THR D 74 11.01 -34.57 -17.47
CA THR D 74 12.05 -34.88 -18.47
C THR D 74 11.98 -33.77 -19.54
N GLU D 75 12.87 -33.73 -20.53
CA GLU D 75 12.81 -32.72 -21.62
C GLU D 75 11.72 -33.12 -22.63
N LYS D 76 11.42 -34.42 -22.83
CA LYS D 76 10.52 -34.93 -23.91
C LYS D 76 9.05 -35.05 -23.47
N ASP D 77 8.76 -35.33 -22.19
CA ASP D 77 7.38 -35.60 -21.68
C ASP D 77 6.59 -34.29 -21.61
N GLU D 78 5.40 -34.22 -22.22
CA GLU D 78 4.49 -33.06 -22.09
C GLU D 78 3.39 -33.40 -21.07
N TYR D 79 2.95 -32.41 -20.31
CA TYR D 79 1.93 -32.54 -19.24
C TYR D 79 0.87 -31.46 -19.47
N ALA D 80 -0.37 -31.76 -19.13
CA ALA D 80 -1.50 -30.82 -19.30
C ALA D 80 -2.55 -31.06 -18.21
N CYS D 81 -3.38 -30.06 -17.99
CA CYS D 81 -4.60 -30.17 -17.17
C CYS D 81 -5.83 -30.02 -18.07
N ARG D 82 -6.83 -30.90 -17.90
CA ARG D 82 -8.09 -30.90 -18.68
C ARG D 82 -9.27 -30.78 -17.72
N VAL D 83 -10.14 -29.79 -17.92
CA VAL D 83 -11.23 -29.44 -16.97
C VAL D 83 -12.56 -29.47 -17.71
N ASN D 84 -13.54 -30.14 -17.13
CA ASN D 84 -14.95 -30.15 -17.59
C ASN D 84 -15.84 -29.56 -16.51
N HIS D 85 -16.70 -28.66 -16.91
CA HIS D 85 -17.58 -27.90 -15.98
C HIS D 85 -18.84 -27.53 -16.75
N VAL D 86 -19.93 -27.33 -16.03
CA VAL D 86 -21.23 -27.02 -16.68
C VAL D 86 -21.09 -25.70 -17.47
N THR D 87 -20.13 -24.82 -17.10
CA THR D 87 -19.88 -23.56 -17.83
C THR D 87 -19.11 -23.84 -19.12
N LEU D 88 -18.59 -25.05 -19.33
CA LEU D 88 -17.76 -25.33 -20.53
C LEU D 88 -18.56 -26.23 -21.47
N SER D 89 -18.67 -25.81 -22.72
CA SER D 89 -19.33 -26.57 -23.81
C SER D 89 -18.33 -27.58 -24.43
N GLN D 90 -17.04 -27.33 -24.20
CA GLN D 90 -15.91 -28.28 -24.49
C GLN D 90 -14.88 -28.23 -23.35
N PRO D 91 -14.11 -29.32 -23.13
CA PRO D 91 -13.13 -29.33 -22.05
C PRO D 91 -12.08 -28.24 -22.30
N LYS D 92 -11.66 -27.52 -21.27
CA LYS D 92 -10.49 -26.61 -21.37
C LYS D 92 -9.25 -27.42 -21.02
N ILE D 93 -8.24 -27.42 -21.89
CA ILE D 93 -6.88 -28.00 -21.67
C ILE D 93 -5.91 -26.82 -21.50
N VAL D 94 -5.17 -26.78 -20.39
CA VAL D 94 -3.99 -25.89 -20.22
C VAL D 94 -2.75 -26.78 -20.14
N LYS D 95 -1.80 -26.57 -21.05
CA LYS D 95 -0.48 -27.25 -21.12
C LYS D 95 0.40 -26.76 -19.97
N TRP D 96 1.20 -27.65 -19.38
CA TRP D 96 2.19 -27.32 -18.34
C TRP D 96 3.41 -26.68 -19.02
N ASP D 97 3.68 -25.43 -18.67
CA ASP D 97 4.92 -24.67 -19.01
C ASP D 97 5.68 -24.37 -17.71
N ARG D 98 6.87 -24.95 -17.55
CA ARG D 98 7.68 -24.87 -16.30
C ARG D 98 8.07 -23.39 -16.02
N ASP D 99 8.04 -22.49 -17.02
CA ASP D 99 8.27 -21.04 -16.84
C ASP D 99 7.08 -20.29 -16.23
N MET D 100 6.09 -20.99 -15.67
CA MET D 100 4.83 -20.40 -15.14
C MET D 100 4.25 -21.28 -14.02
N SER E 1 13.82 31.57 -14.82
CA SER E 1 14.48 30.48 -15.60
C SER E 1 15.76 30.09 -14.87
N PRO E 2 16.22 28.83 -15.07
CA PRO E 2 17.43 28.33 -14.44
C PRO E 2 18.69 28.90 -15.11
N ARG E 3 19.74 29.02 -14.32
CA ARG E 3 20.98 29.71 -14.72
C ARG E 3 21.77 28.82 -15.66
N TRP E 4 22.46 29.44 -16.63
CA TRP E 4 23.08 28.70 -17.75
C TRP E 4 24.59 28.74 -17.62
N TYR E 5 25.06 29.31 -16.51
CA TYR E 5 26.44 29.11 -16.01
C TYR E 5 26.49 27.85 -15.17
N PHE E 6 27.53 27.04 -15.38
CA PHE E 6 27.79 25.75 -14.71
C PHE E 6 29.15 25.77 -13.97
N PHE E 7 29.22 25.06 -12.84
CA PHE E 7 30.39 25.02 -11.95
C PHE E 7 30.57 23.60 -11.41
N TYR E 8 31.74 23.03 -11.64
CA TYR E 8 32.15 21.78 -10.98
C TYR E 8 32.47 22.10 -9.50
N LEU E 9 31.91 21.42 -8.52
CA LEU E 9 32.52 21.47 -7.18
C LEU E 9 33.90 20.78 -7.30
N SER F 1 -14.36 -26.02 17.14
CA SER F 1 -15.48 -26.98 16.98
C SER F 1 -16.70 -26.27 16.39
N PRO F 2 -17.47 -27.00 15.58
CA PRO F 2 -18.63 -26.43 14.90
C PRO F 2 -19.71 -26.08 15.92
N ARG F 3 -20.57 -25.12 15.57
CA ARG F 3 -21.66 -24.66 16.44
C ARG F 3 -22.82 -25.66 16.35
N TRP F 4 -23.54 -25.82 17.47
CA TRP F 4 -24.51 -26.94 17.65
C TRP F 4 -25.94 -26.40 17.70
N TYR F 5 -26.11 -25.07 17.53
CA TYR F 5 -27.42 -24.42 17.24
C TYR F 5 -27.63 -24.39 15.73
N PHE F 6 -28.88 -24.63 15.30
CA PHE F 6 -29.27 -24.82 13.88
C PHE F 6 -30.36 -23.82 13.52
N PHE F 7 -30.37 -23.37 12.26
CA PHE F 7 -31.22 -22.26 11.79
C PHE F 7 -31.63 -22.58 10.36
N TYR F 8 -32.94 -22.74 10.17
CA TYR F 8 -33.61 -22.91 8.87
C TYR F 8 -33.67 -21.55 8.16
N LEU F 9 -33.19 -21.47 6.90
CA LEU F 9 -33.29 -20.22 6.13
C LEU F 9 -34.71 -20.13 5.57
#